data_5AY8
#
_entry.id   5AY8
#
_cell.length_a   101.522
_cell.length_b   101.922
_cell.length_c   175.736
_cell.angle_alpha   90.000
_cell.angle_beta   90.000
_cell.angle_gamma   90.000
#
_symmetry.space_group_name_H-M   'P 21 21 21'
#
loop_
_entity.id
_entity.type
_entity.pdbx_description
1 polymer H3.Y
2 polymer 'Histone H4'
3 polymer 'Histone H2A type 1-B/E'
4 polymer 'Histone H2B type 1-J'
5 polymer 'DNA (146-MER)'
6 non-polymer 'MANGANESE (II) ION'
7 non-polymer 'CHLORIDE ION'
8 water water
#
loop_
_entity_poly.entity_id
_entity_poly.type
_entity_poly.pdbx_seq_one_letter_code
_entity_poly.pdbx_strand_id
1 'polypeptide(L)'
;GSHMARTKQTARKATAWQAPRKPLATKAAGKRAPPTGGIKKPHRYKPGTLALREIRKYQKSTQLLLRKLPFQRLVREIAQ
AISPDLRFQSAAIGALQEASEAYLVQLFEDTNLCAIHARRVTIMPRDMQLARRLRREGP
;
A,E
2 'polypeptide(L)'
;GSHMSGRGKGGKGLGKGGAKRHRKVLRDNIQGITKPAIRRLARRGGVKRISGLIYEETRGVLKVFLENVIRDAVTYTEHA
KRKTVTAMDVVYALKRQGRTLYGFGG
;
B,F
3 'polypeptide(L)'
;GSHMSGRGKQGGKARAKAKTRSSRAGLQFPVGRVHRLLRKGNYSERVGAGAPVYLAAVLEYLTAEILELAGNAARDNKKT
RIIPRHLQLAIRNDEELNKLLGRVTIAQGGVLPNIQAVLLPKKTESHHKAKGK
;
C,G
4 'polypeptide(L)'
;GSHMPEPAKSAPAPKKGSKKAVTKAQKKDGKKRKRSRKESYSIYVYKVLKQVHPDTGISSKAMGIMNSFVNDIFERIAGE
ASRLAHYNKRSTITSREIQTAVRLLLPGELAKHAVSEGTKAVTKYTSAK
;
D,H
5 'polydeoxyribonucleotide'
;(DA)(DT)(DC)(DA)(DA)(DT)(DA)(DT)(DC)(DC)(DA)(DC)(DC)(DT)(DG)(DC)(DA)(DG)(DA)(DT)
(DT)(DC)(DT)(DA)(DC)(DC)(DA)(DA)(DA)(DA)(DG)(DT)(DG)(DT)(DA)(DT)(DT)(DT)(DG)(DG)
(DA)(DA)(DA)(DC)(DT)(DG)(DC)(DT)(DC)(DC)(DA)(DT)(DC)(DA)(DA)(DA)(DA)(DG)(DG)(DC)
(DA)(DT)(DG)(DT)(DT)(DC)(DA)(DG)(DC)(DT)(DG)(DA)(DA)(DT)(DT)(DC)(DA)(DG)(DC)(DT)
(DG)(DA)(DA)(DC)(DA)(DT)(DG)(DC)(DC)(DT)(DT)(DT)(DT)(DG)(DA)(DT)(DG)(DG)(DA)(DG)
(DC)(DA)(DG)(DT)(DT)(DT)(DC)(DC)(DA)(DA)(DA)(DT)(DA)(DC)(DA)(DC)(DT)(DT)(DT)(DT)
(DG)(DG)(DT)(DA)(DG)(DA)(DA)(DT)(DC)(DT)(DG)(DC)(DA)(DG)(DG)(DT)(DG)(DG)(DA)(DT)
(DA)(DT)(DT)(DG)(DA)(DT)
;
I,J
#
# COMPACT_ATOMS: atom_id res chain seq x y z
N PRO A 42 0.67 21.95 -51.60
CA PRO A 42 -0.22 21.27 -50.64
C PRO A 42 0.58 20.28 -49.79
N HIS A 43 0.48 20.38 -48.46
CA HIS A 43 1.31 19.56 -47.59
C HIS A 43 0.58 19.13 -46.31
N ARG A 44 0.88 17.90 -45.91
CA ARG A 44 0.07 17.11 -45.00
C ARG A 44 0.97 16.26 -44.09
N TYR A 45 0.57 16.13 -42.83
CA TYR A 45 1.39 15.44 -41.82
C TYR A 45 1.51 13.94 -42.02
N LYS A 46 2.76 13.47 -41.99
CA LYS A 46 2.99 12.05 -42.05
C LYS A 46 2.49 11.43 -40.78
N PRO A 47 1.73 10.34 -40.91
CA PRO A 47 1.13 9.69 -39.74
C PRO A 47 2.20 9.41 -38.69
N GLY A 48 1.91 9.86 -37.48
CA GLY A 48 2.86 9.78 -36.39
C GLY A 48 3.38 11.18 -36.08
N THR A 49 3.41 12.07 -37.07
CA THR A 49 4.01 13.36 -36.80
C THR A 49 3.14 14.18 -35.87
N LEU A 50 1.87 14.32 -36.24
CA LEU A 50 0.95 15.11 -35.43
C LEU A 50 0.79 14.56 -34.01
N ALA A 51 0.74 13.22 -33.89
CA ALA A 51 0.56 12.58 -32.59
C ALA A 51 1.70 12.95 -31.64
N LEU A 52 2.92 12.94 -32.14
CA LEU A 52 4.09 13.41 -31.39
C LEU A 52 4.00 14.89 -31.03
N ARG A 53 3.26 15.67 -31.80
CA ARG A 53 3.23 17.10 -31.52
C ARG A 53 2.17 17.35 -30.44
N GLU A 54 1.21 16.44 -30.36
CA GLU A 54 0.17 16.44 -29.35
C GLU A 54 0.66 15.85 -28.03
N ILE A 55 1.57 14.89 -28.11
CA ILE A 55 2.18 14.39 -26.89
C ILE A 55 2.94 15.53 -26.18
N ARG A 56 3.74 16.26 -26.94
CA ARG A 56 4.46 17.40 -26.40
C ARG A 56 3.47 18.48 -25.97
N LYS A 57 2.33 18.53 -26.64
CA LYS A 57 1.39 19.59 -26.34
C LYS A 57 0.76 19.35 -24.95
N TYR A 58 0.31 18.14 -24.67
CA TYR A 58 -0.46 17.91 -23.47
C TYR A 58 0.36 17.39 -22.28
N GLN A 59 1.64 17.06 -22.47
CA GLN A 59 2.48 16.76 -21.31
C GLN A 59 2.95 18.07 -20.75
N LYS A 60 2.86 19.08 -21.60
CA LYS A 60 3.26 20.42 -21.24
C LYS A 60 2.16 21.11 -20.44
N SER A 61 0.91 20.66 -20.62
CA SER A 61 -0.26 21.31 -20.03
C SER A 61 -0.81 20.58 -18.78
N THR A 62 -1.80 21.17 -18.11
CA THR A 62 -2.29 20.64 -16.84
C THR A 62 -3.82 20.62 -16.69
N GLN A 63 -4.53 21.18 -17.65
CA GLN A 63 -5.99 21.23 -17.58
C GLN A 63 -6.65 19.84 -17.66
N LEU A 64 -7.83 19.72 -17.06
CA LEU A 64 -8.66 18.51 -17.21
C LEU A 64 -8.95 18.22 -18.68
N LEU A 65 -8.88 16.95 -19.09
CA LEU A 65 -8.98 16.63 -20.51
C LEU A 65 -10.30 16.00 -20.97
N LEU A 66 -11.13 15.59 -20.01
CA LEU A 66 -12.46 15.06 -20.30
C LEU A 66 -13.42 16.21 -20.16
N ARG A 67 -14.48 16.23 -20.96
CA ARG A 67 -15.45 17.32 -20.88
C ARG A 67 -16.16 17.22 -19.54
N LYS A 68 -16.26 18.32 -18.82
CA LYS A 68 -16.79 18.30 -17.46
C LYS A 68 -18.23 17.78 -17.33
N LEU A 69 -19.13 18.18 -18.22
CA LEU A 69 -20.54 17.83 -18.03
C LEU A 69 -20.88 16.35 -18.21
N PRO A 70 -20.38 15.70 -19.29
CA PRO A 70 -20.56 14.24 -19.37
C PRO A 70 -20.00 13.52 -18.15
N PHE A 71 -18.83 13.98 -17.69
CA PHE A 71 -18.18 13.35 -16.57
C PHE A 71 -19.07 13.49 -15.36
N GLN A 72 -19.58 14.68 -15.15
CA GLN A 72 -20.42 14.92 -14.02
C GLN A 72 -21.64 13.99 -14.10
N ARG A 73 -22.18 13.87 -15.30
CA ARG A 73 -23.34 13.03 -15.56
C ARG A 73 -23.05 11.58 -15.18
N LEU A 74 -21.84 11.11 -15.52
CA LEU A 74 -21.35 9.77 -15.19
C LEU A 74 -21.24 9.55 -13.70
N VAL A 75 -20.62 10.49 -13.00
CA VAL A 75 -20.53 10.37 -11.56
C VAL A 75 -21.90 10.22 -10.93
N ARG A 76 -22.82 11.12 -11.27
CA ARG A 76 -24.14 11.06 -10.67
C ARG A 76 -24.92 9.77 -10.99
N GLU A 77 -24.71 9.24 -12.18
CA GLU A 77 -25.39 8.03 -12.58
C GLU A 77 -24.96 6.85 -11.70
N ILE A 78 -23.65 6.66 -11.64
CA ILE A 78 -22.99 5.63 -10.84
C ILE A 78 -23.40 5.74 -9.39
N ALA A 79 -23.44 6.97 -8.90
CA ALA A 79 -23.81 7.22 -7.51
C ALA A 79 -25.24 6.82 -7.24
N GLN A 80 -26.11 7.09 -8.21
CA GLN A 80 -27.54 6.96 -8.00
C GLN A 80 -27.88 5.48 -7.87
N ALA A 81 -26.97 4.63 -8.33
CA ALA A 81 -27.13 3.19 -8.21
C ALA A 81 -26.71 2.65 -6.84
N ILE A 82 -25.80 3.37 -6.18
CA ILE A 82 -25.36 2.97 -4.86
C ILE A 82 -26.36 3.50 -3.87
N SER A 83 -26.88 4.67 -4.19
CA SER A 83 -27.87 5.35 -3.37
C SER A 83 -28.47 6.54 -4.10
N PRO A 84 -29.79 6.70 -4.02
CA PRO A 84 -30.46 7.77 -4.76
C PRO A 84 -30.48 9.07 -3.95
N ASP A 85 -30.83 10.19 -4.59
CA ASP A 85 -31.11 11.44 -3.88
C ASP A 85 -29.84 12.04 -3.29
N LEU A 86 -28.69 11.63 -3.80
CA LEU A 86 -27.44 12.09 -3.23
C LEU A 86 -27.08 13.43 -3.84
N ARG A 87 -26.36 14.26 -3.08
CA ARG A 87 -25.91 15.53 -3.61
C ARG A 87 -24.39 15.57 -3.53
N PHE A 88 -23.78 16.44 -4.32
CA PHE A 88 -22.33 16.49 -4.43
C PHE A 88 -21.88 17.91 -4.31
N GLN A 89 -20.93 18.19 -3.41
CA GLN A 89 -20.22 19.46 -3.49
C GLN A 89 -19.63 19.51 -4.89
N SER A 90 -19.44 20.70 -5.44
CA SER A 90 -18.87 20.74 -6.76
C SER A 90 -17.41 20.28 -6.67
N ALA A 91 -16.76 20.56 -5.54
CA ALA A 91 -15.36 20.19 -5.39
C ALA A 91 -15.18 18.69 -5.23
N ALA A 92 -16.23 17.99 -4.83
CA ALA A 92 -16.19 16.53 -4.76
C ALA A 92 -16.12 15.92 -6.16
N ILE A 93 -16.90 16.47 -7.08
CA ILE A 93 -16.83 16.00 -8.45
C ILE A 93 -15.52 16.45 -9.06
N GLY A 94 -15.04 17.60 -8.62
CA GLY A 94 -13.75 18.07 -9.06
C GLY A 94 -12.72 17.05 -8.65
N ALA A 95 -12.78 16.64 -7.39
CA ALA A 95 -11.81 15.74 -6.79
C ALA A 95 -11.87 14.39 -7.45
N LEU A 96 -13.08 13.93 -7.70
CA LEU A 96 -13.25 12.69 -8.47
C LEU A 96 -12.62 12.81 -9.85
N GLN A 97 -12.75 13.94 -10.51
CA GLN A 97 -12.22 13.98 -11.86
C GLN A 97 -10.69 14.04 -11.88
N GLU A 98 -10.08 14.85 -11.01
CA GLU A 98 -8.62 14.93 -10.98
C GLU A 98 -7.98 13.56 -10.77
N ALA A 99 -8.51 12.85 -9.78
CA ALA A 99 -8.10 11.52 -9.49
C ALA A 99 -8.27 10.61 -10.70
N SER A 100 -9.45 10.65 -11.32
CA SER A 100 -9.74 9.78 -12.46
C SER A 100 -8.84 10.05 -13.67
N GLU A 101 -8.69 11.30 -14.05
CA GLU A 101 -7.83 11.55 -15.20
C GLU A 101 -6.40 11.14 -14.86
N ALA A 102 -5.93 11.40 -13.65
CA ALA A 102 -4.58 10.98 -13.27
C ALA A 102 -4.36 9.48 -13.40
N TYR A 103 -5.33 8.70 -12.92
CA TYR A 103 -5.25 7.26 -12.89
C TYR A 103 -5.24 6.72 -14.31
N LEU A 104 -6.01 7.36 -15.17
CA LEU A 104 -6.04 6.94 -16.56
C LEU A 104 -4.74 7.33 -17.27
N VAL A 105 -4.15 8.45 -16.88
CA VAL A 105 -2.93 8.86 -17.54
C VAL A 105 -1.76 8.01 -17.17
N GLN A 106 -1.64 7.52 -15.95
CA GLN A 106 -0.40 6.82 -15.71
C GLN A 106 -0.60 5.37 -16.06
N LEU A 107 -1.86 4.99 -16.31
CA LEU A 107 -2.18 3.68 -16.90
C LEU A 107 -1.79 3.63 -18.38
N PHE A 108 -2.02 4.71 -19.10
CA PHE A 108 -1.52 4.78 -20.45
C PHE A 108 0.00 4.81 -20.47
N GLU A 109 0.64 5.43 -19.49
CA GLU A 109 2.10 5.40 -19.44
C GLU A 109 2.57 3.95 -19.36
N ASP A 110 1.88 3.14 -18.56
CA ASP A 110 2.25 1.73 -18.38
C ASP A 110 1.85 0.86 -19.55
N THR A 111 0.68 1.15 -20.10
CA THR A 111 0.19 0.40 -21.24
C THR A 111 1.20 0.57 -22.37
N ASN A 112 1.73 1.79 -22.48
CA ASN A 112 2.65 2.13 -23.55
C ASN A 112 3.90 1.31 -23.39
N LEU A 113 4.32 1.12 -22.14
CA LEU A 113 5.52 0.37 -21.84
C LEU A 113 5.36 -1.11 -22.19
N CYS A 114 4.16 -1.63 -21.98
CA CYS A 114 3.90 -2.99 -22.41
C CYS A 114 3.90 -3.06 -23.92
N ALA A 115 3.30 -2.06 -24.58
CA ALA A 115 3.31 -2.07 -26.04
C ALA A 115 4.74 -2.03 -26.59
N ILE A 116 5.60 -1.20 -26.01
CA ILE A 116 6.99 -1.21 -26.43
C ILE A 116 7.64 -2.57 -26.23
N HIS A 117 7.33 -3.22 -25.13
CA HIS A 117 8.01 -4.45 -24.76
C HIS A 117 7.74 -5.56 -25.76
N ALA A 118 6.60 -5.46 -26.43
CA ALA A 118 6.21 -6.44 -27.44
C ALA A 118 6.61 -5.94 -28.83
N ARG A 119 7.59 -5.05 -28.85
CA ARG A 119 8.16 -4.50 -30.07
C ARG A 119 7.11 -3.93 -31.00
N ARG A 120 6.04 -3.37 -30.43
CA ARG A 120 5.05 -2.58 -31.16
C ARG A 120 5.11 -1.13 -30.74
N VAL A 121 4.33 -0.32 -31.44
CA VAL A 121 4.25 1.13 -31.23
C VAL A 121 2.82 1.53 -30.87
N THR A 122 1.89 0.66 -31.19
CA THR A 122 0.48 0.88 -30.96
C THR A 122 -0.02 0.27 -29.67
N ILE A 123 -0.71 1.01 -28.80
CA ILE A 123 -1.28 0.33 -27.61
C ILE A 123 -2.51 -0.46 -28.02
N MET A 124 -2.73 -1.58 -27.33
CA MET A 124 -3.82 -2.49 -27.68
C MET A 124 -4.41 -3.06 -26.41
N PRO A 125 -5.65 -3.56 -26.46
CA PRO A 125 -6.32 -4.04 -25.24
C PRO A 125 -5.50 -5.01 -24.39
N ARG A 126 -4.79 -5.96 -25.01
CA ARG A 126 -4.00 -6.89 -24.22
C ARG A 126 -2.81 -6.21 -23.51
N ASP A 127 -2.45 -5.02 -23.99
CA ASP A 127 -1.48 -4.18 -23.29
C ASP A 127 -2.09 -3.59 -22.00
N MET A 128 -3.29 -3.04 -22.06
CA MET A 128 -3.84 -2.51 -20.83
C MET A 128 -4.18 -3.60 -19.83
N GLN A 129 -4.48 -4.79 -20.32
CA GLN A 129 -4.83 -5.91 -19.45
C GLN A 129 -3.63 -6.44 -18.66
N LEU A 130 -2.45 -6.46 -19.27
CA LEU A 130 -1.23 -6.87 -18.59
C LEU A 130 -0.82 -5.84 -17.56
N ALA A 131 -0.85 -4.58 -17.98
CA ALA A 131 -0.48 -3.43 -17.17
C ALA A 131 -1.29 -3.42 -15.93
N ARG A 132 -2.59 -3.55 -16.09
CA ARG A 132 -3.45 -3.59 -14.94
C ARG A 132 -3.14 -4.81 -14.10
N ARG A 133 -2.83 -5.92 -14.77
CA ARG A 133 -2.61 -7.18 -14.08
C ARG A 133 -1.41 -7.14 -13.18
N LEU A 134 -0.37 -6.47 -13.64
CA LEU A 134 0.85 -6.40 -12.87
C LEU A 134 0.88 -5.28 -11.85
N ARG A 135 -0.21 -4.53 -11.68
CA ARG A 135 -0.26 -3.55 -10.58
C ARG A 135 -1.22 -3.99 -9.47
N ARG A 136 -1.67 -5.27 -9.51
CA ARG A 136 -2.63 -5.87 -8.56
C ARG A 136 -4.11 -5.43 -8.76
N GLU A 137 -4.32 -4.36 -9.55
CA GLU A 137 -5.60 -3.64 -9.63
C GLU A 137 -6.76 -4.30 -10.43
N GLY A 138 -6.59 -5.52 -10.92
CA GLY A 138 -7.62 -6.16 -11.72
C GLY A 138 -7.18 -6.53 -13.14
N ASN B 29 -24.19 6.89 -19.85
CA ASN B 29 -23.44 8.13 -20.07
C ASN B 29 -21.99 7.87 -20.27
N ILE B 30 -21.61 6.61 -20.08
CA ILE B 30 -20.23 6.24 -20.19
C ILE B 30 -19.75 6.58 -21.62
N GLN B 31 -20.67 6.51 -22.57
CA GLN B 31 -20.38 6.82 -23.95
C GLN B 31 -20.11 8.32 -24.13
N GLY B 32 -20.37 9.10 -23.09
CA GLY B 32 -20.12 10.52 -23.09
C GLY B 32 -18.64 10.78 -22.89
N ILE B 33 -17.95 9.74 -22.40
CA ILE B 33 -16.48 9.76 -22.36
C ILE B 33 -16.05 9.45 -23.79
N THR B 34 -15.73 10.50 -24.53
CA THR B 34 -15.60 10.43 -25.98
C THR B 34 -14.26 9.97 -26.48
N LYS B 35 -14.25 9.45 -27.71
CA LYS B 35 -13.02 9.05 -28.32
C LYS B 35 -11.95 10.13 -28.28
N PRO B 36 -12.22 11.33 -28.77
CA PRO B 36 -11.04 12.21 -28.76
C PRO B 36 -10.60 12.68 -27.35
N ALA B 37 -11.46 12.57 -26.33
CA ALA B 37 -10.97 12.94 -25.01
C ALA B 37 -10.01 11.88 -24.46
N ILE B 38 -10.40 10.63 -24.64
CA ILE B 38 -9.53 9.54 -24.30
C ILE B 38 -8.20 9.67 -25.05
N ARG B 39 -8.24 10.12 -26.30
CA ARG B 39 -6.99 10.26 -27.04
C ARG B 39 -6.06 11.26 -26.39
N ARG B 40 -6.59 12.36 -25.88
CA ARG B 40 -5.76 13.37 -25.21
C ARG B 40 -5.13 12.83 -23.93
N LEU B 41 -5.92 12.10 -23.16
CA LEU B 41 -5.38 11.48 -21.99
C LEU B 41 -4.18 10.62 -22.36
N ALA B 42 -4.32 9.80 -23.40
CA ALA B 42 -3.24 8.90 -23.81
C ALA B 42 -2.01 9.65 -24.28
N ARG B 43 -2.23 10.77 -24.95
CA ARG B 43 -1.14 11.61 -25.43
C ARG B 43 -0.38 12.19 -24.22
N ARG B 44 -1.12 12.51 -23.16
CA ARG B 44 -0.45 12.99 -21.96
C ARG B 44 0.41 11.85 -21.41
N GLY B 45 0.01 10.61 -21.69
CA GLY B 45 0.80 9.45 -21.35
C GLY B 45 1.89 9.05 -22.35
N GLY B 46 2.05 9.80 -23.43
CA GLY B 46 3.08 9.53 -24.40
C GLY B 46 2.74 8.40 -25.36
N VAL B 47 1.45 8.12 -25.51
CA VAL B 47 0.99 7.09 -26.43
C VAL B 47 0.94 7.67 -27.82
N LYS B 48 1.47 6.96 -28.81
CA LYS B 48 1.63 7.54 -30.15
C LYS B 48 0.65 6.99 -31.15
N ARG B 49 0.25 5.75 -30.96
CA ARG B 49 -0.67 5.10 -31.86
C ARG B 49 -1.60 4.28 -31.00
N ILE B 50 -2.88 4.25 -31.33
CA ILE B 50 -3.90 3.67 -30.46
C ILE B 50 -4.88 2.72 -31.20
N SER B 51 -4.92 1.45 -30.83
CA SER B 51 -5.93 0.55 -31.35
C SER B 51 -7.37 1.06 -31.12
N GLY B 52 -8.28 0.78 -32.06
CA GLY B 52 -9.64 1.26 -31.97
C GLY B 52 -10.43 0.63 -30.84
N LEU B 53 -9.88 -0.48 -30.36
CA LEU B 53 -10.45 -1.24 -29.29
C LEU B 53 -10.08 -0.69 -27.91
N ILE B 54 -9.11 0.23 -27.87
CA ILE B 54 -8.67 0.83 -26.62
C ILE B 54 -9.76 1.68 -25.98
N TYR B 55 -10.63 2.29 -26.78
CA TYR B 55 -11.55 3.27 -26.25
C TYR B 55 -12.66 2.61 -25.44
N GLU B 56 -13.28 1.54 -25.94
CA GLU B 56 -14.29 0.87 -25.12
C GLU B 56 -13.62 0.19 -23.95
N GLU B 57 -12.39 -0.25 -24.16
CA GLU B 57 -11.63 -0.83 -23.07
C GLU B 57 -11.45 0.25 -21.98
N THR B 58 -10.90 1.39 -22.36
CA THR B 58 -10.66 2.48 -21.42
C THR B 58 -11.92 2.88 -20.68
N ARG B 59 -13.04 2.91 -21.40
CA ARG B 59 -14.30 3.28 -20.75
C ARG B 59 -14.59 2.32 -19.61
N GLY B 60 -14.28 1.03 -19.82
CA GLY B 60 -14.62 0.02 -18.86
C GLY B 60 -13.82 0.12 -17.58
N VAL B 61 -12.56 0.50 -17.73
CA VAL B 61 -11.65 0.72 -16.61
C VAL B 61 -12.02 1.98 -15.81
N LEU B 62 -12.34 3.07 -16.50
CA LEU B 62 -12.77 4.27 -15.82
C LEU B 62 -14.01 3.91 -14.99
N LYS B 63 -14.92 3.13 -15.56
CA LYS B 63 -16.17 2.83 -14.85
C LYS B 63 -15.94 2.02 -13.59
N VAL B 64 -15.02 1.07 -13.66
CA VAL B 64 -14.72 0.27 -12.50
C VAL B 64 -14.10 1.14 -11.39
N PHE B 65 -13.17 1.99 -11.78
CA PHE B 65 -12.50 2.90 -10.85
C PHE B 65 -13.51 3.76 -10.14
N LEU B 66 -14.39 4.43 -10.88
CA LEU B 66 -15.42 5.31 -10.31
C LEU B 66 -16.39 4.57 -9.39
N GLU B 67 -16.80 3.38 -9.83
CA GLU B 67 -17.64 2.51 -9.00
C GLU B 67 -16.99 2.15 -7.64
N ASN B 68 -15.67 2.01 -7.59
CA ASN B 68 -15.04 1.67 -6.33
C ASN B 68 -14.76 2.89 -5.43
N VAL B 69 -14.39 4.02 -6.04
CA VAL B 69 -14.12 5.25 -5.30
C VAL B 69 -15.42 5.86 -4.75
N ILE B 70 -16.42 6.00 -5.62
CA ILE B 70 -17.68 6.59 -5.20
C ILE B 70 -18.35 5.71 -4.12
N ARG B 71 -18.33 4.39 -4.31
CA ARG B 71 -18.91 3.52 -3.29
C ARG B 71 -18.26 3.73 -1.91
N ASP B 72 -16.94 3.86 -1.87
CA ASP B 72 -16.28 4.06 -0.58
C ASP B 72 -16.56 5.47 -0.08
N ALA B 73 -16.60 6.44 -0.98
CA ALA B 73 -16.89 7.81 -0.52
C ALA B 73 -18.31 7.91 0.06
N VAL B 74 -19.30 7.41 -0.67
CA VAL B 74 -20.67 7.38 -0.17
C VAL B 74 -20.76 6.67 1.16
N THR B 75 -20.04 5.56 1.31
CA THR B 75 -19.99 4.85 2.59
C THR B 75 -19.47 5.75 3.70
N TYR B 76 -18.51 6.62 3.41
CA TYR B 76 -18.10 7.66 4.37
C TYR B 76 -19.22 8.70 4.55
N THR B 77 -19.94 8.99 3.47
CA THR B 77 -21.01 9.99 3.53
C THR B 77 -22.13 9.53 4.43
N GLU B 78 -22.68 8.35 4.17
CA GLU B 78 -23.81 7.85 4.96
C GLU B 78 -23.40 7.61 6.41
N HIS B 79 -22.13 7.34 6.68
CA HIS B 79 -21.71 7.14 8.07
C HIS B 79 -21.92 8.40 8.88
N ALA B 80 -21.68 9.56 8.28
CA ALA B 80 -21.84 10.86 8.94
C ALA B 80 -23.31 11.31 8.95
N LYS B 81 -24.19 10.39 8.56
CA LYS B 81 -25.62 10.64 8.44
C LYS B 81 -25.95 11.85 7.55
N ARG B 82 -25.13 12.09 6.52
CA ARG B 82 -25.32 13.18 5.59
C ARG B 82 -25.92 12.69 4.27
N LYS B 83 -26.38 13.64 3.45
CA LYS B 83 -26.93 13.36 2.12
C LYS B 83 -26.05 13.96 1.01
N THR B 84 -25.00 14.67 1.41
CA THR B 84 -24.14 15.39 0.47
C THR B 84 -22.71 14.85 0.51
N VAL B 85 -22.21 14.44 -0.65
CA VAL B 85 -20.84 13.93 -0.76
C VAL B 85 -19.84 15.06 -0.85
N THR B 86 -19.05 15.20 0.19
CA THR B 86 -18.11 16.31 0.27
C THR B 86 -16.86 15.93 -0.47
N ALA B 87 -15.95 16.90 -0.64
CA ALA B 87 -14.67 16.57 -1.26
C ALA B 87 -13.86 15.69 -0.33
N MET B 88 -13.90 15.99 0.97
CA MET B 88 -13.16 15.15 1.92
C MET B 88 -13.60 13.69 1.90
N ASP B 89 -14.88 13.42 1.61
CA ASP B 89 -15.31 12.04 1.52
C ASP B 89 -14.53 11.30 0.44
N VAL B 90 -14.39 11.96 -0.70
CA VAL B 90 -13.67 11.44 -1.85
C VAL B 90 -12.19 11.31 -1.57
N VAL B 91 -11.64 12.35 -0.95
CA VAL B 91 -10.25 12.34 -0.58
C VAL B 91 -9.95 11.16 0.34
N TYR B 92 -10.83 10.91 1.33
CA TYR B 92 -10.71 9.71 2.18
C TYR B 92 -10.89 8.41 1.38
N ALA B 93 -11.85 8.40 0.45
CA ALA B 93 -12.05 7.22 -0.37
C ALA B 93 -10.79 6.88 -1.15
N LEU B 94 -10.10 7.90 -1.65
CA LEU B 94 -8.92 7.66 -2.44
C LEU B 94 -7.73 7.20 -1.60
N LYS B 95 -7.55 7.79 -0.41
CA LYS B 95 -6.48 7.37 0.51
C LYS B 95 -6.65 5.89 0.85
N ARG B 96 -7.89 5.40 0.85
CA ARG B 96 -8.15 4.01 1.25
C ARG B 96 -7.68 3.06 0.19
N GLN B 97 -7.83 3.49 -1.06
CA GLN B 97 -7.35 2.74 -2.20
C GLN B 97 -5.87 2.98 -2.47
N GLY B 98 -5.18 3.60 -1.54
CA GLY B 98 -3.78 3.92 -1.78
C GLY B 98 -3.54 4.96 -2.83
N ARG B 99 -4.49 5.85 -3.04
CA ARG B 99 -4.30 6.94 -3.99
C ARG B 99 -4.38 8.32 -3.35
N THR B 100 -3.48 8.66 -2.43
CA THR B 100 -3.47 10.00 -1.82
C THR B 100 -3.61 11.18 -2.80
N LEU B 101 -4.54 12.07 -2.56
CA LEU B 101 -4.76 13.21 -3.45
C LEU B 101 -4.62 14.52 -2.69
N TYR B 102 -3.90 15.46 -3.31
CA TYR B 102 -3.58 16.77 -2.76
C TYR B 102 -4.31 17.94 -3.43
N GLY B 103 -4.80 18.88 -2.63
CA GLY B 103 -5.47 20.06 -3.18
C GLY B 103 -6.96 20.19 -2.88
N PHE B 104 -7.50 19.32 -2.03
CA PHE B 104 -8.89 19.45 -1.57
C PHE B 104 -8.99 19.27 -0.05
N GLY B 105 -7.83 19.18 0.62
CA GLY B 105 -7.75 18.99 2.06
C GLY B 105 -6.63 18.07 2.61
N GLY B 106 -6.47 16.82 2.12
CA GLY B 106 -5.43 15.96 2.71
C GLY B 106 -5.18 14.49 2.29
N ALA C 18 -22.91 -15.42 37.42
CA ALA C 18 -21.93 -14.66 36.65
C ALA C 18 -21.74 -15.21 35.23
N LYS C 19 -22.19 -14.46 34.22
CA LYS C 19 -22.12 -14.90 32.81
C LYS C 19 -21.03 -14.15 32.04
N THR C 20 -20.29 -14.86 31.19
CA THR C 20 -19.26 -14.24 30.32
C THR C 20 -19.87 -13.27 29.33
N ARG C 21 -19.22 -12.14 29.09
CA ARG C 21 -19.70 -11.22 28.07
C ARG C 21 -19.84 -11.91 26.74
N SER C 22 -18.97 -12.88 26.50
CA SER C 22 -19.00 -13.64 25.27
C SER C 22 -20.22 -14.56 25.14
N SER C 23 -20.66 -15.13 26.25
CA SER C 23 -21.80 -16.03 26.17
C SER C 23 -23.06 -15.23 25.87
N ARG C 24 -23.26 -14.08 26.52
CA ARG C 24 -24.46 -13.29 26.23
C ARG C 24 -24.55 -12.96 24.74
N ALA C 25 -23.40 -12.95 24.07
CA ALA C 25 -23.36 -12.59 22.66
C ALA C 25 -23.42 -13.84 21.76
N GLY C 26 -23.21 -15.00 22.36
CA GLY C 26 -23.24 -16.21 21.56
C GLY C 26 -21.90 -16.38 20.87
N LEU C 27 -20.83 -15.88 21.47
CA LEU C 27 -19.56 -15.90 20.78
C LEU C 27 -18.53 -16.79 21.46
N GLN C 28 -17.54 -17.22 20.67
CA GLN C 28 -16.44 -18.06 21.13
C GLN C 28 -15.18 -17.24 21.32
N PHE C 29 -15.06 -16.14 20.58
CA PHE C 29 -13.91 -15.23 20.68
C PHE C 29 -14.11 -14.38 21.92
N PRO C 30 -13.01 -13.89 22.52
CA PRO C 30 -13.16 -13.23 23.83
C PRO C 30 -13.48 -11.74 23.76
N VAL C 31 -14.75 -11.42 23.98
CA VAL C 31 -15.21 -10.04 23.95
C VAL C 31 -14.48 -9.13 24.95
N GLY C 32 -14.20 -9.63 26.14
CA GLY C 32 -13.46 -8.86 27.13
C GLY C 32 -12.06 -8.50 26.69
N ARG C 33 -11.37 -9.43 26.08
CA ARG C 33 -10.05 -9.14 25.52
C ARG C 33 -10.13 -8.14 24.36
N VAL C 34 -11.11 -8.33 23.49
CA VAL C 34 -11.30 -7.42 22.37
C VAL C 34 -11.50 -6.00 22.91
N HIS C 35 -12.38 -5.89 23.90
CA HIS C 35 -12.63 -4.65 24.60
C HIS C 35 -11.35 -4.10 25.23
N ARG C 36 -10.49 -4.95 25.79
CA ARG C 36 -9.29 -4.43 26.43
C ARG C 36 -8.30 -3.93 25.40
N LEU C 37 -8.12 -4.71 24.35
CA LEU C 37 -7.17 -4.33 23.32
C LEU C 37 -7.59 -3.06 22.61
N LEU C 38 -8.90 -2.85 22.49
CA LEU C 38 -9.40 -1.60 21.93
C LEU C 38 -9.06 -0.43 22.82
N ARG C 39 -9.37 -0.51 24.11
CA ARG C 39 -9.08 0.58 25.03
C ARG C 39 -7.57 0.86 25.18
N LYS C 40 -6.74 -0.17 25.23
CA LYS C 40 -5.31 0.04 25.46
C LYS C 40 -4.59 0.25 24.13
N GLY C 41 -5.36 0.17 23.05
CA GLY C 41 -4.80 0.26 21.72
C GLY C 41 -4.72 1.63 21.07
N ASN C 42 -5.04 2.71 21.79
CA ASN C 42 -4.98 4.05 21.20
C ASN C 42 -5.80 4.23 19.96
N TYR C 43 -7.03 3.74 19.98
CA TYR C 43 -7.85 3.90 18.80
C TYR C 43 -8.76 5.09 18.97
N SER C 44 -9.16 5.35 20.21
CA SER C 44 -10.11 6.42 20.55
C SER C 44 -10.18 6.56 22.03
N GLU C 45 -10.65 7.72 22.50
CA GLU C 45 -10.71 7.99 23.93
C GLU C 45 -11.65 7.09 24.72
N ARG C 46 -12.86 6.91 24.21
CA ARG C 46 -13.82 6.04 24.86
C ARG C 46 -14.28 4.90 23.95
N VAL C 47 -14.68 3.78 24.52
CA VAL C 47 -15.12 2.64 23.70
C VAL C 47 -16.56 2.21 24.01
N GLY C 48 -17.43 2.24 23.00
CA GLY C 48 -18.81 1.80 23.15
C GLY C 48 -18.99 0.39 23.70
N ALA C 49 -20.20 0.06 24.12
CA ALA C 49 -20.41 -1.23 24.78
C ALA C 49 -20.64 -2.39 23.79
N GLY C 50 -21.16 -2.07 22.63
CA GLY C 50 -21.36 -3.07 21.61
C GLY C 50 -20.16 -3.24 20.69
N ALA C 51 -19.27 -2.26 20.67
CA ALA C 51 -18.14 -2.29 19.76
C ALA C 51 -17.29 -3.57 19.88
N PRO C 52 -16.84 -3.94 21.09
CA PRO C 52 -16.01 -5.14 21.09
C PRO C 52 -16.84 -6.38 20.79
N VAL C 53 -18.13 -6.33 21.12
CA VAL C 53 -19.04 -7.43 20.81
C VAL C 53 -19.13 -7.58 19.30
N TYR C 54 -19.33 -6.48 18.61
CA TYR C 54 -19.46 -6.52 17.17
C TYR C 54 -18.14 -7.00 16.53
N LEU C 55 -17.02 -6.51 17.04
CA LEU C 55 -15.75 -6.82 16.44
C LEU C 55 -15.39 -8.28 16.62
N ALA C 56 -15.64 -8.79 17.82
CA ALA C 56 -15.31 -10.17 18.14
C ALA C 56 -16.13 -11.12 17.29
N ALA C 57 -17.40 -10.78 17.08
CA ALA C 57 -18.23 -11.58 16.19
C ALA C 57 -17.65 -11.65 14.75
N VAL C 58 -17.17 -10.52 14.25
CA VAL C 58 -16.58 -10.48 12.93
C VAL C 58 -15.26 -11.22 12.91
N LEU C 59 -14.41 -11.01 13.90
CA LEU C 59 -13.17 -11.77 13.94
C LEU C 59 -13.46 -13.28 13.97
N GLU C 60 -14.44 -13.67 14.77
CA GLU C 60 -14.85 -15.06 14.87
C GLU C 60 -15.41 -15.55 13.53
N TYR C 61 -16.24 -14.76 12.87
CA TYR C 61 -16.78 -15.18 11.57
C TYR C 61 -15.67 -15.46 10.54
N LEU C 62 -14.77 -14.50 10.34
CA LEU C 62 -13.70 -14.69 9.39
C LEU C 62 -12.84 -15.92 9.73
N THR C 63 -12.61 -16.18 11.01
CA THR C 63 -11.88 -17.38 11.42
C THR C 63 -12.61 -18.68 11.04
N ALA C 64 -13.92 -18.70 11.28
CA ALA C 64 -14.78 -19.79 10.83
C ALA C 64 -14.61 -20.01 9.32
N GLU C 65 -14.66 -18.92 8.55
CA GLU C 65 -14.60 -19.04 7.10
C GLU C 65 -13.30 -19.57 6.55
N ILE C 66 -12.18 -19.16 7.13
CA ILE C 66 -10.89 -19.70 6.68
C ILE C 66 -10.76 -21.15 7.12
N LEU C 67 -11.15 -21.47 8.36
CA LEU C 67 -11.02 -22.84 8.83
C LEU C 67 -11.94 -23.83 8.08
N GLU C 68 -13.16 -23.45 7.70
CA GLU C 68 -13.99 -24.40 6.94
C GLU C 68 -13.34 -24.82 5.61
N LEU C 69 -12.86 -23.83 4.86
CA LEU C 69 -12.33 -24.09 3.53
C LEU C 69 -10.94 -24.74 3.62
N ALA C 70 -10.23 -24.53 4.72
CA ALA C 70 -8.92 -25.16 4.91
C ALA C 70 -9.14 -26.61 5.25
N GLY C 71 -10.09 -26.87 6.14
CA GLY C 71 -10.48 -28.23 6.48
C GLY C 71 -10.86 -29.06 5.27
N ASN C 72 -11.57 -28.46 4.31
CA ASN C 72 -11.90 -29.09 3.04
C ASN C 72 -10.67 -29.47 2.23
N ALA C 73 -9.71 -28.55 2.16
CA ALA C 73 -8.47 -28.79 1.44
C ALA C 73 -7.58 -29.80 2.17
N ALA C 74 -7.75 -29.91 3.49
CA ALA C 74 -6.96 -30.87 4.25
C ALA C 74 -7.47 -32.29 4.06
N ARG C 75 -8.77 -32.43 3.83
CA ARG C 75 -9.36 -33.73 3.57
C ARG C 75 -9.10 -34.16 2.12
N ASP C 76 -9.17 -33.21 1.19
CA ASP C 76 -8.76 -33.47 -0.20
C ASP C 76 -7.30 -33.94 -0.34
N ASN C 77 -6.53 -33.75 0.72
CA ASN C 77 -5.10 -34.01 0.77
C ASN C 77 -5.02 -35.23 1.67
N LYS C 78 -6.22 -35.67 2.08
CA LYS C 78 -6.40 -36.84 2.93
C LYS C 78 -5.54 -36.76 4.21
N LYS C 79 -5.41 -35.54 4.72
CA LYS C 79 -4.84 -35.28 6.03
C LYS C 79 -5.96 -34.96 7.02
N THR C 80 -5.65 -35.03 8.30
CA THR C 80 -6.67 -34.74 9.27
C THR C 80 -6.21 -33.62 10.17
N ARG C 81 -5.04 -33.09 9.88
CA ARG C 81 -4.54 -31.95 10.60
C ARG C 81 -4.22 -30.85 9.60
N ILE C 82 -4.74 -29.64 9.84
CA ILE C 82 -4.51 -28.51 8.95
C ILE C 82 -3.09 -27.98 9.13
N ILE C 83 -2.39 -27.84 8.01
CA ILE C 83 -1.05 -27.28 8.00
C ILE C 83 -1.08 -26.00 7.15
N PRO C 84 0.02 -25.22 7.16
CA PRO C 84 -0.08 -23.94 6.45
C PRO C 84 -0.36 -24.06 4.97
N ARG C 85 0.13 -25.12 4.32
CA ARG C 85 -0.19 -25.32 2.90
C ARG C 85 -1.70 -25.26 2.66
N HIS C 86 -2.50 -25.79 3.59
CA HIS C 86 -3.96 -25.83 3.46
C HIS C 86 -4.62 -24.46 3.56
N LEU C 87 -4.11 -23.66 4.49
CA LEU C 87 -4.56 -22.28 4.64
C LEU C 87 -4.25 -21.57 3.32
N GLN C 88 -3.03 -21.75 2.80
CA GLN C 88 -2.67 -21.13 1.52
C GLN C 88 -3.57 -21.56 0.38
N LEU C 89 -3.79 -22.86 0.23
CA LEU C 89 -4.71 -23.34 -0.81
C LEU C 89 -6.12 -22.78 -0.63
N ALA C 90 -6.57 -22.59 0.61
CA ALA C 90 -7.92 -22.07 0.91
C ALA C 90 -8.11 -20.57 0.59
N ILE C 91 -7.18 -19.74 1.01
CA ILE C 91 -7.22 -18.33 0.64
C ILE C 91 -7.14 -18.11 -0.88
N ARG C 92 -6.07 -18.59 -1.50
CA ARG C 92 -5.79 -18.27 -2.88
C ARG C 92 -6.86 -18.81 -3.79
N ASN C 93 -7.55 -19.85 -3.36
CA ASN C 93 -8.61 -20.40 -4.21
C ASN C 93 -9.97 -19.76 -4.00
N ASP C 94 -10.09 -18.95 -2.95
CA ASP C 94 -11.32 -18.23 -2.69
C ASP C 94 -11.25 -16.78 -3.19
N GLU C 95 -12.06 -16.46 -4.19
CA GLU C 95 -12.05 -15.14 -4.82
C GLU C 95 -11.94 -13.96 -3.86
N GLU C 96 -12.71 -14.01 -2.76
CA GLU C 96 -12.83 -12.89 -1.81
C GLU C 96 -11.78 -12.87 -0.71
N LEU C 97 -11.56 -14.01 -0.07
CA LEU C 97 -10.44 -14.22 0.84
C LEU C 97 -9.13 -13.85 0.18
N ASN C 98 -9.04 -14.08 -1.13
CA ASN C 98 -7.83 -13.75 -1.83
C ASN C 98 -7.62 -12.26 -1.89
N LYS C 99 -8.68 -11.51 -2.16
CA LYS C 99 -8.61 -10.04 -2.22
C LYS C 99 -8.23 -9.50 -0.84
N LEU C 100 -8.83 -10.10 0.19
CA LEU C 100 -8.62 -9.64 1.55
C LEU C 100 -7.18 -9.84 1.96
N LEU C 101 -6.58 -10.97 1.59
CA LEU C 101 -5.21 -11.26 2.03
C LEU C 101 -4.21 -11.20 0.88
N GLY C 102 -4.45 -10.26 -0.04
CA GLY C 102 -3.71 -10.13 -1.29
C GLY C 102 -2.28 -9.67 -1.11
N ARG C 103 -2.02 -8.95 -0.03
CA ARG C 103 -0.68 -8.51 0.30
C ARG C 103 -0.12 -9.34 1.46
N VAL C 104 -0.53 -10.57 1.59
CA VAL C 104 -0.11 -11.36 2.75
C VAL C 104 0.61 -12.66 2.37
N THR C 105 1.77 -12.91 3.01
CA THR C 105 2.50 -14.15 2.79
C THR C 105 2.30 -15.20 3.89
N ILE C 106 1.82 -16.39 3.53
CA ILE C 106 1.68 -17.46 4.51
C ILE C 106 2.94 -18.32 4.50
N ALA C 107 3.71 -18.31 5.58
CA ALA C 107 4.99 -19.04 5.61
C ALA C 107 4.78 -20.53 5.42
N GLN C 108 5.63 -21.19 4.63
CA GLN C 108 5.50 -22.63 4.40
C GLN C 108 4.16 -22.95 3.78
N GLY C 109 3.62 -22.01 3.02
CA GLY C 109 2.34 -22.17 2.36
C GLY C 109 2.40 -22.59 0.90
N GLY C 110 3.49 -22.29 0.21
CA GLY C 110 3.59 -22.55 -1.22
C GLY C 110 2.66 -21.69 -2.08
N VAL C 111 2.55 -22.02 -3.36
CA VAL C 111 1.69 -21.32 -4.29
C VAL C 111 0.74 -22.29 -4.98
N LEU C 112 -0.32 -21.77 -5.59
CA LEU C 112 -1.23 -22.60 -6.36
C LEU C 112 -0.63 -23.15 -7.64
N PRO C 113 -0.91 -24.43 -7.90
CA PRO C 113 -0.56 -25.07 -9.16
C PRO C 113 -1.16 -24.29 -10.32
N ASN C 114 -0.30 -23.74 -11.18
CA ASN C 114 -0.79 -22.94 -12.28
C ASN C 114 0.25 -22.81 -13.40
N ILE C 115 -0.02 -23.46 -14.53
CA ILE C 115 0.81 -23.30 -15.72
C ILE C 115 0.09 -22.51 -16.80
N GLN C 116 0.75 -21.50 -17.37
CA GLN C 116 0.17 -20.75 -18.50
C GLN C 116 -0.01 -21.68 -19.70
N ALA C 117 -1.22 -21.70 -20.26
CA ALA C 117 -1.56 -22.59 -21.39
C ALA C 117 -0.51 -22.69 -22.50
N VAL C 118 0.11 -21.57 -22.86
CA VAL C 118 1.13 -21.50 -23.89
C VAL C 118 2.28 -22.46 -23.71
N LEU C 119 2.55 -22.79 -22.47
CA LEU C 119 3.74 -23.54 -22.15
C LEU C 119 3.47 -25.03 -22.22
N LEU C 120 2.21 -25.37 -22.48
CA LEU C 120 1.80 -26.75 -22.61
C LEU C 120 2.10 -27.32 -23.98
N PRO C 121 2.31 -28.64 -24.04
CA PRO C 121 2.56 -29.38 -25.29
C PRO C 121 1.33 -29.46 -26.21
N LYS C 122 1.57 -29.77 -27.49
CA LYS C 122 0.54 -29.81 -28.53
C LYS C 122 -0.02 -31.21 -28.78
N ARG D 37 4.31 -15.12 30.53
CA ARG D 37 2.93 -15.05 30.03
C ARG D 37 2.89 -14.41 28.66
N LYS D 38 2.13 -15.02 27.77
CA LYS D 38 1.99 -14.62 26.39
C LYS D 38 0.60 -14.98 25.92
N GLU D 39 -0.30 -14.02 25.91
CA GLU D 39 -1.67 -14.38 25.57
C GLU D 39 -1.76 -14.52 24.07
N SER D 40 -2.79 -15.21 23.61
CA SER D 40 -2.90 -15.61 22.22
C SER D 40 -4.38 -15.96 21.90
N TYR D 41 -4.74 -16.14 20.64
CA TYR D 41 -6.11 -16.46 20.24
C TYR D 41 -6.32 -17.94 20.08
N SER D 42 -5.35 -18.71 20.59
CA SER D 42 -5.23 -20.13 20.25
C SER D 42 -6.43 -20.96 20.67
N ILE D 43 -6.85 -20.81 21.91
CA ILE D 43 -7.95 -21.65 22.36
C ILE D 43 -9.23 -21.31 21.63
N TYR D 44 -9.44 -20.01 21.36
CA TYR D 44 -10.68 -19.56 20.72
C TYR D 44 -10.75 -20.05 19.30
N VAL D 45 -9.60 -20.02 18.63
CA VAL D 45 -9.49 -20.51 17.29
C VAL D 45 -9.81 -22.00 17.28
N TYR D 46 -9.23 -22.73 18.24
CA TYR D 46 -9.42 -24.17 18.30
C TYR D 46 -10.89 -24.57 18.40
N LYS D 47 -11.65 -23.87 19.24
CA LYS D 47 -13.09 -24.07 19.42
C LYS D 47 -13.86 -23.90 18.12
N VAL D 48 -13.55 -22.86 17.36
CA VAL D 48 -14.21 -22.59 16.08
C VAL D 48 -13.90 -23.68 15.05
N LEU D 49 -12.71 -24.26 15.17
CA LEU D 49 -12.32 -25.38 14.33
C LEU D 49 -13.22 -26.58 14.60
N LYS D 50 -13.44 -26.90 15.88
CA LYS D 50 -14.29 -28.01 16.27
C LYS D 50 -15.75 -27.75 15.87
N GLN D 51 -16.09 -26.49 15.64
CA GLN D 51 -17.43 -26.16 15.20
C GLN D 51 -17.66 -26.44 13.73
N VAL D 52 -16.67 -26.15 12.89
CA VAL D 52 -16.79 -26.36 11.44
C VAL D 52 -16.44 -27.78 10.98
N HIS D 53 -15.40 -28.35 11.59
CA HIS D 53 -14.87 -29.65 11.20
C HIS D 53 -14.47 -30.41 12.46
N PRO D 54 -15.43 -31.09 13.11
CA PRO D 54 -15.23 -31.61 14.47
C PRO D 54 -14.11 -32.64 14.61
N ASP D 55 -13.89 -33.45 13.58
CA ASP D 55 -12.87 -34.51 13.64
C ASP D 55 -11.52 -34.03 13.09
N THR D 56 -11.41 -32.73 12.78
CA THR D 56 -10.18 -32.16 12.24
C THR D 56 -9.35 -31.38 13.29
N GLY D 57 -8.02 -31.49 13.22
CA GLY D 57 -7.10 -30.78 14.09
C GLY D 57 -6.20 -29.81 13.32
N ILE D 58 -5.18 -29.27 13.97
CA ILE D 58 -4.34 -28.25 13.35
C ILE D 58 -2.91 -28.22 13.91
N SER D 59 -1.91 -28.17 13.04
CA SER D 59 -0.51 -28.13 13.48
C SER D 59 -0.18 -26.80 14.15
N SER D 60 0.90 -26.71 14.89
CA SER D 60 1.14 -25.49 15.67
C SER D 60 1.56 -24.35 14.78
N LYS D 61 2.35 -24.65 13.74
CA LYS D 61 2.77 -23.63 12.79
C LYS D 61 1.56 -23.07 12.05
N ALA D 62 0.57 -23.90 11.78
CA ALA D 62 -0.62 -23.44 11.13
C ALA D 62 -1.44 -22.65 12.12
N MET D 63 -1.30 -22.96 13.40
CA MET D 63 -2.07 -22.23 14.37
C MET D 63 -1.52 -20.82 14.47
N GLY D 64 -0.21 -20.67 14.35
CA GLY D 64 0.38 -19.35 14.43
C GLY D 64 -0.03 -18.46 13.27
N ILE D 65 -0.30 -19.08 12.13
CA ILE D 65 -0.73 -18.37 10.96
C ILE D 65 -2.13 -17.80 11.22
N MET D 66 -3.03 -18.65 11.74
CA MET D 66 -4.37 -18.18 12.10
C MET D 66 -4.30 -17.06 13.12
N ASN D 67 -3.41 -17.23 14.10
CA ASN D 67 -3.17 -16.24 15.12
C ASN D 67 -2.81 -14.92 14.45
N SER D 68 -1.84 -14.95 13.54
CA SER D 68 -1.48 -13.77 12.77
C SER D 68 -2.69 -13.14 12.10
N PHE D 69 -3.49 -13.94 11.41
CA PHE D 69 -4.71 -13.45 10.74
C PHE D 69 -5.60 -12.62 11.65
N VAL D 70 -5.94 -13.15 12.82
CA VAL D 70 -6.79 -12.42 13.73
C VAL D 70 -6.15 -11.10 14.15
N ASN D 71 -4.85 -11.07 14.46
CA ASN D 71 -4.29 -9.78 14.80
C ASN D 71 -4.33 -8.82 13.62
N ASP D 72 -4.10 -9.36 12.43
CA ASP D 72 -4.10 -8.50 11.25
C ASP D 72 -5.50 -7.96 11.03
N ILE D 73 -6.53 -8.79 10.98
CA ILE D 73 -7.84 -8.27 10.67
C ILE D 73 -8.30 -7.33 11.76
N PHE D 74 -8.02 -7.66 13.02
CA PHE D 74 -8.31 -6.76 14.15
C PHE D 74 -7.73 -5.35 13.92
N GLU D 75 -6.42 -5.24 13.71
CA GLU D 75 -5.77 -3.94 13.52
C GLU D 75 -6.29 -3.22 12.29
N ARG D 76 -6.67 -3.96 11.27
CA ARG D 76 -7.27 -3.32 10.12
C ARG D 76 -8.59 -2.70 10.53
N ILE D 77 -9.49 -3.50 11.12
CA ILE D 77 -10.81 -3.00 11.49
C ILE D 77 -10.75 -1.88 12.52
N ALA D 78 -9.95 -2.06 13.57
CA ALA D 78 -9.87 -1.08 14.64
C ALA D 78 -9.37 0.26 14.11
N GLY D 79 -8.22 0.23 13.45
CA GLY D 79 -7.61 1.43 12.91
C GLY D 79 -8.51 2.20 11.99
N GLU D 80 -9.23 1.53 11.11
CA GLU D 80 -10.12 2.21 10.21
C GLU D 80 -11.30 2.81 10.99
N ALA D 81 -11.69 2.19 12.11
CA ALA D 81 -12.76 2.73 12.94
C ALA D 81 -12.21 3.89 13.74
N SER D 82 -10.90 3.87 13.99
CA SER D 82 -10.25 5.01 14.61
C SER D 82 -10.36 6.21 13.71
N ARG D 83 -10.00 6.01 12.45
CA ARG D 83 -10.01 7.11 11.51
C ARG D 83 -11.43 7.63 11.26
N LEU D 84 -12.41 6.74 11.26
CA LEU D 84 -13.80 7.17 11.07
C LEU D 84 -14.21 8.11 12.16
N ALA D 85 -13.97 7.71 13.40
CA ALA D 85 -14.39 8.54 14.50
C ALA D 85 -13.69 9.87 14.41
N HIS D 86 -12.42 9.86 14.05
CA HIS D 86 -11.64 11.08 14.07
C HIS D 86 -12.13 12.09 13.05
N TYR D 87 -12.63 11.63 11.91
CA TYR D 87 -13.18 12.52 10.88
C TYR D 87 -14.51 13.11 11.29
N ASN D 88 -15.23 12.44 12.17
CA ASN D 88 -16.54 12.92 12.56
C ASN D 88 -16.52 13.63 13.90
N LYS D 89 -15.33 14.02 14.30
CA LYS D 89 -15.10 14.76 15.52
C LYS D 89 -15.74 14.03 16.70
N ARG D 90 -15.91 12.70 16.59
CA ARG D 90 -16.45 11.86 17.64
C ARG D 90 -15.30 11.23 18.41
N SER D 91 -15.47 11.06 19.72
CA SER D 91 -14.37 10.54 20.53
C SER D 91 -14.64 9.12 20.96
N THR D 92 -15.81 8.62 20.62
CA THR D 92 -16.16 7.27 20.97
C THR D 92 -16.17 6.33 19.75
N ILE D 93 -15.49 5.19 19.88
CA ILE D 93 -15.69 4.12 18.93
C ILE D 93 -16.85 3.26 19.38
N THR D 94 -17.91 3.28 18.56
CA THR D 94 -19.08 2.49 18.84
C THR D 94 -19.17 1.40 17.81
N SER D 95 -20.15 0.51 17.98
CA SER D 95 -20.31 -0.57 17.05
C SER D 95 -20.69 -0.02 15.70
N ARG D 96 -21.19 1.21 15.63
CA ARG D 96 -21.59 1.71 14.32
C ARG D 96 -20.34 2.06 13.51
N GLU D 97 -19.23 2.30 14.20
CA GLU D 97 -17.97 2.54 13.49
C GLU D 97 -17.40 1.19 13.02
N ILE D 98 -17.53 0.15 13.86
CA ILE D 98 -17.03 -1.20 13.52
C ILE D 98 -17.72 -1.70 12.24
N GLN D 99 -19.03 -1.53 12.17
CA GLN D 99 -19.77 -1.98 11.01
C GLN D 99 -19.34 -1.26 9.75
N THR D 100 -19.22 0.05 9.81
CA THR D 100 -18.85 0.86 8.64
C THR D 100 -17.42 0.53 8.19
N ALA D 101 -16.55 0.31 9.16
CA ALA D 101 -15.19 -0.12 8.85
C ALA D 101 -15.17 -1.50 8.19
N VAL D 102 -16.09 -2.37 8.57
CA VAL D 102 -16.16 -3.70 7.97
C VAL D 102 -16.67 -3.54 6.54
N ARG D 103 -17.60 -2.62 6.35
CA ARG D 103 -18.12 -2.35 5.02
C ARG D 103 -17.08 -1.76 4.08
N LEU D 104 -16.15 -0.98 4.60
CA LEU D 104 -15.02 -0.52 3.78
C LEU D 104 -13.93 -1.58 3.51
N LEU D 105 -13.50 -2.27 4.56
CA LEU D 105 -12.30 -3.13 4.54
C LEU D 105 -12.49 -4.55 3.97
N LEU D 106 -13.73 -5.04 3.93
CA LEU D 106 -14.02 -6.39 3.45
C LEU D 106 -14.68 -6.39 2.09
N PRO D 107 -14.21 -7.28 1.19
CA PRO D 107 -14.79 -7.50 -0.14
C PRO D 107 -16.25 -7.88 -0.06
N GLY D 108 -17.01 -7.59 -1.12
CA GLY D 108 -18.46 -7.51 -1.07
C GLY D 108 -19.20 -8.49 -0.19
N GLU D 109 -19.21 -9.77 -0.59
CA GLU D 109 -20.01 -10.79 0.07
C GLU D 109 -19.50 -11.12 1.46
N LEU D 110 -18.18 -11.07 1.63
CA LEU D 110 -17.56 -11.39 2.91
C LEU D 110 -18.10 -10.45 3.96
N ALA D 111 -18.22 -9.19 3.57
CA ALA D 111 -18.69 -8.12 4.44
C ALA D 111 -20.16 -8.29 4.83
N LYS D 112 -20.98 -8.65 3.84
CA LYS D 112 -22.41 -8.86 4.07
C LYS D 112 -22.61 -9.89 5.18
N HIS D 113 -21.95 -11.03 5.07
CA HIS D 113 -22.09 -12.04 6.10
C HIS D 113 -21.58 -11.51 7.44
N ALA D 114 -20.43 -10.85 7.43
CA ALA D 114 -19.84 -10.38 8.68
C ALA D 114 -20.76 -9.39 9.35
N VAL D 115 -21.33 -8.49 8.56
CA VAL D 115 -22.22 -7.46 9.07
C VAL D 115 -23.48 -8.06 9.70
N SER D 116 -24.09 -9.05 9.05
CA SER D 116 -25.22 -9.73 9.67
C SER D 116 -24.85 -10.29 11.04
N GLU D 117 -23.74 -11.02 11.09
CA GLU D 117 -23.28 -11.66 12.32
C GLU D 117 -22.90 -10.65 13.39
N GLY D 118 -22.35 -9.50 12.98
CA GLY D 118 -21.95 -8.49 13.93
C GLY D 118 -23.19 -7.89 14.56
N THR D 119 -24.18 -7.62 13.70
CA THR D 119 -25.47 -7.13 14.15
C THR D 119 -26.15 -8.09 15.09
N LYS D 120 -26.31 -9.33 14.63
CA LYS D 120 -26.92 -10.43 15.38
C LYS D 120 -26.31 -10.62 16.78
N ALA D 121 -25.03 -10.28 16.95
CA ALA D 121 -24.36 -10.50 18.22
C ALA D 121 -24.58 -9.34 19.22
N VAL D 122 -24.70 -8.10 18.76
CA VAL D 122 -24.89 -7.04 19.76
C VAL D 122 -26.35 -7.01 20.15
N THR D 123 -27.25 -7.35 19.24
CA THR D 123 -28.66 -7.35 19.60
C THR D 123 -28.96 -8.52 20.54
N LYS D 124 -28.22 -9.61 20.38
CA LYS D 124 -28.38 -10.74 21.30
C LYS D 124 -27.80 -10.37 22.67
N TYR D 125 -26.75 -9.56 22.63
CA TYR D 125 -25.99 -9.25 23.83
C TYR D 125 -26.66 -8.19 24.66
N THR D 126 -27.43 -7.32 24.02
CA THR D 126 -28.11 -6.25 24.76
C THR D 126 -29.24 -6.87 25.55
N SER D 127 -29.83 -7.94 25.00
CA SER D 127 -30.83 -8.73 25.71
C SER D 127 -30.20 -9.73 26.68
N ALA D 128 -29.30 -9.28 27.55
CA ALA D 128 -28.72 -10.17 28.57
C ALA D 128 -27.89 -9.38 29.58
N PRO E 42 19.34 -46.49 -24.23
CA PRO E 42 19.41 -45.02 -24.14
C PRO E 42 18.07 -44.36 -24.51
N HIS E 43 17.55 -43.53 -23.60
CA HIS E 43 16.25 -42.89 -23.80
C HIS E 43 16.19 -41.53 -23.07
N ARG E 44 15.62 -40.50 -23.70
CA ARG E 44 15.94 -39.15 -23.21
C ARG E 44 14.83 -38.08 -23.31
N TYR E 45 14.74 -37.20 -22.31
CA TYR E 45 13.68 -36.16 -22.23
C TYR E 45 13.78 -35.02 -23.27
N LYS E 46 12.70 -34.77 -24.00
CA LYS E 46 12.70 -33.67 -24.96
C LYS E 46 12.79 -32.34 -24.23
N PRO E 47 13.64 -31.41 -24.71
CA PRO E 47 13.86 -30.18 -23.95
C PRO E 47 12.53 -29.53 -23.60
N GLY E 48 12.32 -29.27 -22.31
CA GLY E 48 11.04 -28.72 -21.90
C GLY E 48 10.14 -29.72 -21.17
N THR E 49 10.30 -30.99 -21.49
CA THR E 49 9.44 -32.00 -20.89
C THR E 49 9.76 -32.07 -19.42
N LEU E 50 11.04 -32.22 -19.14
CA LEU E 50 11.50 -32.25 -17.77
C LEU E 50 11.18 -30.92 -17.09
N ALA E 51 11.27 -29.85 -17.87
CA ALA E 51 11.02 -28.50 -17.37
C ALA E 51 9.60 -28.34 -16.87
N LEU E 52 8.65 -28.90 -17.63
CA LEU E 52 7.25 -28.93 -17.24
C LEU E 52 7.02 -29.80 -16.02
N ARG E 53 7.87 -30.77 -15.84
CA ARG E 53 7.65 -31.72 -14.78
C ARG E 53 8.17 -31.13 -13.49
N GLU E 54 9.10 -30.18 -13.62
CA GLU E 54 9.67 -29.55 -12.44
C GLU E 54 8.76 -28.44 -11.91
N ILE E 55 8.07 -27.78 -12.82
CA ILE E 55 7.08 -26.79 -12.42
C ILE E 55 5.99 -27.49 -11.61
N ARG E 56 5.49 -28.63 -12.09
CA ARG E 56 4.42 -29.32 -11.38
C ARG E 56 4.91 -29.72 -10.01
N LYS E 57 6.18 -30.10 -9.94
CA LYS E 57 6.79 -30.68 -8.74
C LYS E 57 6.91 -29.68 -7.64
N TYR E 58 7.31 -28.46 -8.01
CA TYR E 58 7.62 -27.40 -7.04
C TYR E 58 6.47 -26.47 -6.74
N GLN E 59 5.40 -26.56 -7.52
CA GLN E 59 4.17 -25.88 -7.17
C GLN E 59 3.40 -26.79 -6.22
N LYS E 60 3.80 -28.05 -6.15
CA LYS E 60 3.14 -28.95 -5.25
C LYS E 60 3.73 -28.81 -3.85
N SER E 61 4.98 -28.41 -3.74
CA SER E 61 5.63 -28.43 -2.42
C SER E 61 5.70 -27.04 -1.76
N THR E 62 6.24 -26.99 -0.55
CA THR E 62 6.28 -25.77 0.20
C THR E 62 7.64 -25.52 0.85
N GLN E 63 8.58 -26.43 0.68
CA GLN E 63 9.89 -26.30 1.32
C GLN E 63 10.66 -25.10 0.78
N LEU E 64 11.54 -24.53 1.62
CA LEU E 64 12.48 -23.50 1.18
C LEU E 64 13.34 -24.03 0.06
N LEU E 65 13.54 -23.24 -1.00
CA LEU E 65 14.19 -23.76 -2.19
C LEU E 65 15.62 -23.27 -2.35
N LEU E 66 16.02 -22.26 -1.57
CA LEU E 66 17.41 -21.81 -1.53
C LEU E 66 18.05 -22.48 -0.34
N ARG E 67 19.32 -22.84 -0.42
CA ARG E 67 20.00 -23.48 0.69
C ARG E 67 20.17 -22.55 1.88
N LYS E 68 19.86 -23.08 3.07
CA LYS E 68 19.77 -22.30 4.29
C LYS E 68 21.07 -21.59 4.68
N LEU E 69 22.20 -22.31 4.67
CA LEU E 69 23.47 -21.74 5.17
C LEU E 69 24.09 -20.70 4.24
N PRO E 70 24.09 -20.93 2.92
CA PRO E 70 24.44 -19.81 2.03
C PRO E 70 23.57 -18.58 2.25
N PHE E 71 22.26 -18.77 2.42
CA PHE E 71 21.36 -17.66 2.62
C PHE E 71 21.74 -16.91 3.89
N GLN E 72 21.96 -17.67 4.95
CA GLN E 72 22.27 -17.12 6.25
C GLN E 72 23.55 -16.29 6.19
N ARG E 73 24.51 -16.81 5.46
CA ARG E 73 25.81 -16.17 5.32
C ARG E 73 25.65 -14.78 4.68
N LEU E 74 24.76 -14.70 3.69
CA LEU E 74 24.43 -13.48 2.97
C LEU E 74 23.79 -12.45 3.87
N VAL E 75 22.73 -12.86 4.56
CA VAL E 75 21.99 -11.96 5.45
C VAL E 75 22.94 -11.25 6.42
N ARG E 76 23.76 -12.04 7.09
CA ARG E 76 24.71 -11.50 8.06
C ARG E 76 25.75 -10.56 7.40
N GLU E 77 26.17 -10.87 6.16
CA GLU E 77 27.08 -10.00 5.36
C GLU E 77 26.45 -8.63 5.10
N ILE E 78 25.24 -8.65 4.53
CA ILE E 78 24.44 -7.45 4.33
C ILE E 78 24.21 -6.73 5.66
N ALA E 79 23.88 -7.49 6.69
CA ALA E 79 23.59 -6.89 7.98
C ALA E 79 24.82 -6.20 8.54
N GLN E 80 26.00 -6.77 8.32
CA GLN E 80 27.17 -6.22 8.98
C GLN E 80 27.63 -4.88 8.35
N ALA E 81 27.20 -4.62 7.11
CA ALA E 81 27.55 -3.35 6.45
C ALA E 81 26.70 -2.22 7.01
N ILE E 82 25.52 -2.60 7.48
CA ILE E 82 24.57 -1.70 8.10
C ILE E 82 24.91 -1.43 9.56
N SER E 83 25.40 -2.44 10.26
CA SER E 83 25.74 -2.29 11.66
C SER E 83 26.52 -3.53 12.10
N PRO E 84 27.57 -3.33 12.92
CA PRO E 84 28.47 -4.42 13.33
C PRO E 84 28.03 -5.17 14.58
N ASP E 85 28.56 -6.37 14.77
CA ASP E 85 28.39 -7.08 16.04
C ASP E 85 26.94 -7.51 16.26
N LEU E 86 26.16 -7.57 15.18
CA LEU E 86 24.75 -7.86 15.28
C LEU E 86 24.45 -9.36 15.33
N ARG E 87 23.36 -9.71 16.01
CA ARG E 87 22.93 -11.10 16.15
C ARG E 87 21.53 -11.31 15.60
N PHE E 88 21.21 -12.57 15.32
CA PHE E 88 19.92 -12.90 14.73
C PHE E 88 19.27 -14.10 15.44
N GLN E 89 18.03 -13.92 15.87
CA GLN E 89 17.21 -15.08 16.20
C GLN E 89 17.15 -16.01 14.99
N SER E 90 17.02 -17.32 15.18
CA SER E 90 17.05 -18.22 14.03
C SER E 90 15.83 -18.01 13.13
N ALA E 91 14.71 -17.71 13.75
CA ALA E 91 13.49 -17.46 13.00
C ALA E 91 13.54 -16.10 12.33
N ALA E 92 14.43 -15.24 12.81
CA ALA E 92 14.54 -13.94 12.16
C ALA E 92 15.07 -14.18 10.78
N ILE E 93 16.04 -15.09 10.71
CA ILE E 93 16.60 -15.48 9.45
C ILE E 93 15.58 -16.38 8.74
N GLY E 94 14.83 -17.13 9.53
CA GLY E 94 13.74 -17.92 8.99
C GLY E 94 12.74 -17.05 8.26
N ALA E 95 12.29 -15.98 8.91
CA ALA E 95 11.29 -15.07 8.32
C ALA E 95 11.84 -14.32 7.10
N LEU E 96 13.09 -13.88 7.21
CA LEU E 96 13.76 -13.25 6.09
C LEU E 96 13.78 -14.15 4.86
N GLN E 97 13.99 -15.45 5.05
CA GLN E 97 14.05 -16.33 3.88
C GLN E 97 12.68 -16.66 3.28
N GLU E 98 11.67 -16.92 4.11
CA GLU E 98 10.31 -17.18 3.62
C GLU E 98 9.81 -16.01 2.78
N ALA E 99 10.07 -14.83 3.31
CA ALA E 99 9.77 -13.58 2.65
C ALA E 99 10.51 -13.47 1.33
N SER E 100 11.81 -13.71 1.36
CA SER E 100 12.64 -13.48 0.19
C SER E 100 12.18 -14.38 -0.95
N GLU E 101 12.03 -15.66 -0.67
CA GLU E 101 11.61 -16.57 -1.69
C GLU E 101 10.21 -16.27 -2.22
N ALA E 102 9.31 -15.97 -1.28
CA ALA E 102 7.93 -15.66 -1.64
C ALA E 102 7.93 -14.52 -2.64
N TYR E 103 8.81 -13.56 -2.44
CA TYR E 103 8.89 -12.40 -3.31
C TYR E 103 9.44 -12.71 -4.69
N LEU E 104 10.47 -13.56 -4.72
CA LEU E 104 11.16 -13.92 -5.96
C LEU E 104 10.29 -14.81 -6.81
N VAL E 105 9.45 -15.59 -6.15
CA VAL E 105 8.56 -16.47 -6.86
C VAL E 105 7.42 -15.72 -7.54
N GLN E 106 6.88 -14.63 -6.98
CA GLN E 106 5.77 -14.02 -7.73
C GLN E 106 6.40 -13.00 -8.65
N LEU E 107 7.67 -12.68 -8.41
CA LEU E 107 8.42 -11.94 -9.41
C LEU E 107 8.73 -12.79 -10.66
N PHE E 108 9.03 -14.07 -10.49
CA PHE E 108 9.16 -14.89 -11.68
C PHE E 108 7.81 -15.06 -12.34
N GLU E 109 6.74 -15.14 -11.56
CA GLU E 109 5.40 -15.24 -12.16
C GLU E 109 5.13 -14.05 -13.02
N ASP E 110 5.47 -12.87 -12.52
CA ASP E 110 5.19 -11.65 -13.28
C ASP E 110 6.14 -11.56 -14.47
N THR E 111 7.39 -11.96 -14.27
CA THR E 111 8.38 -11.98 -15.33
C THR E 111 7.92 -12.90 -16.44
N ASN E 112 7.31 -14.01 -16.07
CA ASN E 112 6.82 -15.00 -17.03
C ASN E 112 5.68 -14.44 -17.92
N LEU E 113 4.82 -13.64 -17.32
CA LEU E 113 3.66 -13.04 -18.00
C LEU E 113 4.08 -12.01 -19.04
N CYS E 114 5.11 -11.25 -18.69
CA CYS E 114 5.69 -10.27 -19.60
C CYS E 114 6.33 -11.02 -20.78
N ALA E 115 6.97 -12.15 -20.47
CA ALA E 115 7.57 -12.97 -21.50
C ALA E 115 6.52 -13.51 -22.49
N ILE E 116 5.43 -14.06 -21.97
CA ILE E 116 4.33 -14.52 -22.83
C ILE E 116 3.78 -13.39 -23.66
N HIS E 117 3.75 -12.21 -23.05
CA HIS E 117 3.13 -11.04 -23.67
C HIS E 117 3.87 -10.61 -24.92
N ALA E 118 5.17 -10.92 -24.97
CA ALA E 118 6.02 -10.65 -26.12
C ALA E 118 6.16 -11.90 -26.99
N ARG E 119 5.20 -12.81 -26.83
CA ARG E 119 5.17 -14.09 -27.53
C ARG E 119 6.49 -14.90 -27.46
N ARG E 120 7.21 -14.80 -26.36
CA ARG E 120 8.31 -15.71 -26.12
C ARG E 120 7.95 -16.66 -24.98
N VAL E 121 8.83 -17.61 -24.68
CA VAL E 121 8.60 -18.61 -23.65
C VAL E 121 9.74 -18.51 -22.65
N THR E 122 10.81 -17.86 -23.09
CA THR E 122 11.98 -17.67 -22.25
C THR E 122 11.90 -16.35 -21.47
N ILE E 123 12.14 -16.42 -20.15
CA ILE E 123 12.24 -15.20 -19.39
C ILE E 123 13.65 -14.60 -19.59
N MET E 124 13.70 -13.28 -19.65
CA MET E 124 14.92 -12.54 -19.97
C MET E 124 14.97 -11.25 -19.13
N PRO E 125 16.15 -10.66 -18.98
CA PRO E 125 16.28 -9.47 -18.13
C PRO E 125 15.26 -8.36 -18.38
N ARG E 126 14.95 -8.08 -19.64
CA ARG E 126 13.98 -7.06 -19.98
C ARG E 126 12.56 -7.47 -19.61
N ASP E 127 12.37 -8.76 -19.33
CA ASP E 127 11.14 -9.21 -18.69
C ASP E 127 11.11 -8.87 -17.17
N MET E 128 12.18 -9.16 -16.42
CA MET E 128 12.17 -8.85 -15.00
C MET E 128 12.17 -7.33 -14.79
N GLN E 129 12.71 -6.58 -15.74
CA GLN E 129 12.77 -5.13 -15.60
C GLN E 129 11.42 -4.47 -15.77
N LEU E 130 10.65 -4.98 -16.71
CA LEU E 130 9.33 -4.43 -16.97
C LEU E 130 8.43 -4.78 -15.83
N ALA E 131 8.47 -6.04 -15.41
CA ALA E 131 7.64 -6.49 -14.32
C ALA E 131 7.84 -5.63 -13.06
N ARG E 132 9.09 -5.41 -12.68
CA ARG E 132 9.40 -4.62 -11.49
C ARG E 132 8.95 -3.16 -11.60
N ARG E 133 8.95 -2.64 -12.81
CA ARG E 133 8.57 -1.25 -13.06
C ARG E 133 7.08 -1.01 -12.77
N LEU E 134 6.22 -1.95 -13.14
CA LEU E 134 4.78 -1.84 -12.93
C LEU E 134 4.27 -2.38 -11.58
N ARG E 135 5.21 -2.77 -10.72
CA ARG E 135 4.96 -3.21 -9.34
C ARG E 135 5.35 -2.19 -8.23
N ARG E 136 5.49 -0.91 -8.62
CA ARG E 136 6.07 0.18 -7.82
C ARG E 136 7.62 0.24 -7.81
N GLU E 137 8.31 -0.87 -8.11
CA GLU E 137 9.74 -1.01 -7.72
C GLU E 137 10.76 -0.20 -8.54
N ASP F 28 32.33 -12.69 0.51
CA ASP F 28 31.55 -12.47 -0.70
C ASP F 28 30.59 -13.65 -0.97
N ASN F 29 29.38 -13.55 -0.39
CA ASN F 29 28.43 -14.65 -0.28
C ASN F 29 27.28 -14.64 -1.29
N ILE F 30 27.16 -13.58 -2.10
CA ILE F 30 26.05 -13.51 -3.05
C ILE F 30 26.10 -14.69 -4.05
N GLN F 31 27.31 -15.20 -4.33
CA GLN F 31 27.48 -16.33 -5.26
C GLN F 31 26.94 -17.63 -4.70
N GLY F 32 26.54 -17.59 -3.43
CA GLY F 32 25.94 -18.73 -2.76
C GLY F 32 24.49 -18.96 -3.18
N ILE F 33 23.86 -17.99 -3.79
CA ILE F 33 22.60 -18.26 -4.44
C ILE F 33 22.91 -18.88 -5.79
N THR F 34 22.75 -20.19 -5.89
CA THR F 34 23.27 -20.86 -7.07
C THR F 34 22.30 -20.80 -8.22
N LYS F 35 22.82 -20.98 -9.44
CA LYS F 35 22.01 -21.10 -10.63
C LYS F 35 20.94 -22.19 -10.44
N PRO F 36 21.32 -23.40 -10.01
CA PRO F 36 20.18 -24.33 -9.96
C PRO F 36 19.12 -23.99 -8.89
N ALA F 37 19.46 -23.22 -7.87
CA ALA F 37 18.50 -22.87 -6.82
C ALA F 37 17.51 -21.84 -7.33
N ILE F 38 18.05 -20.85 -8.03
CA ILE F 38 17.23 -19.87 -8.70
C ILE F 38 16.21 -20.52 -9.65
N ARG F 39 16.62 -21.60 -10.32
CA ARG F 39 15.77 -22.32 -11.27
C ARG F 39 14.56 -22.91 -10.56
N ARG F 40 14.79 -23.41 -9.35
CA ARG F 40 13.71 -24.02 -8.62
C ARG F 40 12.69 -22.96 -8.32
N LEU F 41 13.17 -21.79 -7.88
CA LEU F 41 12.30 -20.66 -7.63
C LEU F 41 11.54 -20.34 -8.92
N ALA F 42 12.23 -20.27 -10.05
CA ALA F 42 11.52 -19.97 -11.28
C ALA F 42 10.51 -21.09 -11.60
N ARG F 43 10.85 -22.31 -11.23
CA ARG F 43 9.91 -23.41 -11.51
C ARG F 43 8.62 -23.27 -10.68
N ARG F 44 8.78 -22.85 -9.43
CA ARG F 44 7.64 -22.54 -8.60
C ARG F 44 6.91 -21.33 -9.17
N GLY F 45 7.62 -20.45 -9.87
CA GLY F 45 6.97 -19.35 -10.53
C GLY F 45 6.35 -19.70 -11.86
N GLY F 46 6.45 -20.95 -12.27
CA GLY F 46 5.85 -21.39 -13.52
C GLY F 46 6.66 -21.08 -14.78
N VAL F 47 7.95 -20.85 -14.61
CA VAL F 47 8.84 -20.62 -15.74
C VAL F 47 9.34 -21.92 -16.38
N LYS F 48 9.31 -21.98 -17.71
CA LYS F 48 9.68 -23.21 -18.44
C LYS F 48 11.05 -23.09 -19.11
N ARG F 49 11.43 -21.87 -19.46
CA ARG F 49 12.71 -21.66 -20.13
C ARG F 49 13.42 -20.41 -19.63
N ILE F 50 14.73 -20.48 -19.39
CA ILE F 50 15.42 -19.38 -18.71
C ILE F 50 16.75 -18.94 -19.32
N SER F 51 16.82 -17.67 -19.73
CA SER F 51 18.05 -17.02 -20.21
C SER F 51 19.23 -16.97 -19.21
N GLY F 52 20.46 -17.12 -19.71
CA GLY F 52 21.61 -17.15 -18.83
C GLY F 52 21.88 -15.84 -18.12
N LEU F 53 21.26 -14.77 -18.59
CA LEU F 53 21.46 -13.47 -17.95
C LEU F 53 20.52 -13.26 -16.76
N ILE F 54 19.53 -14.15 -16.60
CA ILE F 54 18.58 -14.04 -15.50
C ILE F 54 19.25 -14.26 -14.14
N TYR F 55 20.29 -15.07 -14.07
CA TYR F 55 20.81 -15.43 -12.75
C TYR F 55 21.54 -14.25 -12.06
N GLU F 56 22.38 -13.55 -12.80
CA GLU F 56 23.05 -12.41 -12.18
C GLU F 56 22.00 -11.33 -11.92
N GLU F 57 21.04 -11.25 -12.83
CA GLU F 57 19.93 -10.33 -12.67
C GLU F 57 19.16 -10.68 -11.38
N THR F 58 18.72 -11.93 -11.22
CA THR F 58 18.00 -12.38 -10.01
C THR F 58 18.79 -12.14 -8.70
N ARG F 59 20.10 -12.38 -8.72
CA ARG F 59 20.90 -12.20 -7.50
C ARG F 59 20.87 -10.75 -7.04
N GLY F 60 20.98 -9.83 -7.97
CA GLY F 60 21.07 -8.43 -7.63
C GLY F 60 19.75 -7.92 -7.08
N VAL F 61 18.66 -8.44 -7.61
CA VAL F 61 17.34 -8.07 -7.14
C VAL F 61 17.17 -8.54 -5.71
N LEU F 62 17.59 -9.77 -5.45
CA LEU F 62 17.55 -10.32 -4.12
C LEU F 62 18.38 -9.48 -3.15
N LYS F 63 19.54 -9.01 -3.57
CA LYS F 63 20.41 -8.30 -2.64
C LYS F 63 19.76 -6.97 -2.28
N VAL F 64 19.07 -6.35 -3.22
CA VAL F 64 18.43 -5.07 -2.95
C VAL F 64 17.28 -5.26 -1.97
N PHE F 65 16.49 -6.30 -2.19
CA PHE F 65 15.33 -6.61 -1.36
C PHE F 65 15.77 -6.76 0.08
N LEU F 66 16.74 -7.62 0.31
CA LEU F 66 17.28 -7.83 1.64
C LEU F 66 17.87 -6.57 2.27
N GLU F 67 18.60 -5.80 1.48
CA GLU F 67 19.16 -4.55 1.99
C GLU F 67 18.11 -3.57 2.53
N ASN F 68 16.93 -3.53 1.93
CA ASN F 68 15.88 -2.64 2.42
C ASN F 68 15.15 -3.20 3.61
N VAL F 69 14.94 -4.52 3.60
CA VAL F 69 14.29 -5.19 4.70
C VAL F 69 15.21 -5.20 5.92
N ILE F 70 16.46 -5.56 5.70
CA ILE F 70 17.35 -5.67 6.84
C ILE F 70 17.57 -4.33 7.52
N ARG F 71 17.75 -3.26 6.75
CA ARG F 71 17.96 -1.93 7.31
C ARG F 71 16.78 -1.48 8.15
N ASP F 72 15.57 -1.71 7.67
CA ASP F 72 14.43 -1.31 8.45
C ASP F 72 14.35 -2.20 9.67
N ALA F 73 14.61 -3.49 9.47
CA ALA F 73 14.54 -4.45 10.57
C ALA F 73 15.54 -4.04 11.63
N VAL F 74 16.76 -3.77 11.22
CA VAL F 74 17.78 -3.26 12.13
C VAL F 74 17.37 -1.95 12.82
N THR F 75 16.73 -1.00 12.10
CA THR F 75 16.29 0.23 12.71
C THR F 75 15.35 -0.02 13.88
N TYR F 76 14.48 -1.02 13.71
CA TYR F 76 13.57 -1.42 14.78
C TYR F 76 14.36 -2.02 15.95
N THR F 77 15.39 -2.82 15.63
CA THR F 77 16.22 -3.50 16.63
C THR F 77 16.94 -2.51 17.51
N GLU F 78 17.64 -1.58 16.89
CA GLU F 78 18.40 -0.55 17.59
C GLU F 78 17.49 0.40 18.34
N HIS F 79 16.27 0.56 17.88
CA HIS F 79 15.38 1.43 18.61
C HIS F 79 15.06 0.80 19.95
N ALA F 80 14.90 -0.51 19.94
CA ALA F 80 14.57 -1.22 21.18
C ALA F 80 15.81 -1.45 22.03
N LYS F 81 16.89 -0.76 21.66
CA LYS F 81 18.18 -0.86 22.32
C LYS F 81 18.67 -2.31 22.47
N ARG F 82 18.39 -3.11 21.45
CA ARG F 82 18.78 -4.52 21.43
C ARG F 82 20.02 -4.73 20.58
N LYS F 83 20.64 -5.89 20.74
CA LYS F 83 21.83 -6.26 19.98
C LYS F 83 21.50 -7.46 19.09
N THR F 84 20.28 -7.97 19.26
CA THR F 84 19.79 -9.14 18.56
C THR F 84 18.57 -8.78 17.70
N VAL F 85 18.62 -9.12 16.42
CA VAL F 85 17.47 -8.93 15.53
C VAL F 85 16.48 -10.05 15.75
N THR F 86 15.29 -9.71 16.25
CA THR F 86 14.26 -10.70 16.51
C THR F 86 13.50 -10.99 15.25
N ALA F 87 12.65 -12.01 15.28
CA ALA F 87 11.81 -12.31 14.12
C ALA F 87 10.81 -11.19 13.90
N MET F 88 10.24 -10.68 15.00
CA MET F 88 9.28 -9.58 14.96
C MET F 88 9.81 -8.29 14.33
N ASP F 89 11.10 -8.03 14.47
CA ASP F 89 11.69 -6.91 13.78
C ASP F 89 11.49 -7.09 12.30
N VAL F 90 11.72 -8.31 11.81
CA VAL F 90 11.62 -8.59 10.39
C VAL F 90 10.17 -8.48 9.93
N VAL F 91 9.27 -9.04 10.70
CA VAL F 91 7.85 -8.91 10.41
C VAL F 91 7.36 -7.46 10.36
N TYR F 92 7.82 -6.61 11.31
CA TYR F 92 7.53 -5.17 11.23
C TYR F 92 8.19 -4.52 10.04
N ALA F 93 9.44 -4.87 9.77
CA ALA F 93 10.11 -4.29 8.61
C ALA F 93 9.37 -4.66 7.33
N LEU F 94 8.84 -5.87 7.26
CA LEU F 94 8.13 -6.29 6.06
C LEU F 94 6.76 -5.64 5.92
N LYS F 95 6.02 -5.55 7.02
CA LYS F 95 4.72 -4.85 7.03
C LYS F 95 4.89 -3.41 6.59
N ARG F 96 6.10 -2.89 6.77
CA ARG F 96 6.34 -1.51 6.43
C ARG F 96 6.50 -1.39 4.92
N GLN F 97 7.07 -2.41 4.28
CA GLN F 97 7.20 -2.38 2.83
C GLN F 97 5.96 -2.91 2.12
N GLY F 98 4.87 -3.03 2.87
CA GLY F 98 3.65 -3.61 2.35
C GLY F 98 3.72 -5.10 2.09
N ARG F 99 4.56 -5.81 2.84
CA ARG F 99 4.60 -7.24 2.65
C ARG F 99 4.26 -7.94 3.97
N THR F 100 3.04 -7.80 4.45
CA THR F 100 2.61 -8.53 5.67
C THR F 100 2.96 -10.02 5.65
N LEU F 101 3.57 -10.54 6.72
CA LEU F 101 3.97 -11.95 6.80
C LEU F 101 3.37 -12.75 7.99
N TYR F 102 2.87 -13.95 7.70
CA TYR F 102 2.21 -14.79 8.70
C TYR F 102 3.03 -16.04 9.15
N GLY F 103 3.01 -16.30 10.45
CA GLY F 103 3.70 -17.44 11.02
C GLY F 103 4.87 -17.13 11.94
N PHE F 104 5.11 -15.87 12.29
CA PHE F 104 6.17 -15.56 13.25
C PHE F 104 5.69 -14.63 14.36
N GLY F 105 4.38 -14.37 14.39
CA GLY F 105 3.76 -13.48 15.37
C GLY F 105 3.98 -13.89 16.81
N GLY F 106 3.76 -15.18 17.11
CA GLY F 106 3.84 -15.68 18.47
C GLY F 106 5.19 -16.18 18.98
N LYS G 19 9.54 34.02 23.76
CA LYS G 19 8.54 33.32 24.54
C LYS G 19 7.93 32.10 23.85
N THR G 20 7.48 32.25 22.59
CA THR G 20 6.84 31.13 21.88
C THR G 20 7.79 29.93 21.80
N ARG G 21 7.23 28.74 22.04
CA ARG G 21 8.00 27.52 21.98
C ARG G 21 8.67 27.41 20.63
N SER G 22 8.00 27.94 19.62
CA SER G 22 8.49 27.95 18.26
C SER G 22 9.70 28.87 18.17
N SER G 23 9.69 29.95 18.94
CA SER G 23 10.83 30.86 18.95
C SER G 23 12.00 30.22 19.68
N ARG G 24 11.73 29.61 20.84
CA ARG G 24 12.78 28.93 21.59
C ARG G 24 13.46 27.79 20.81
N ALA G 25 12.78 27.23 19.81
CA ALA G 25 13.35 26.09 19.07
C ALA G 25 14.07 26.45 17.75
N GLY G 26 13.90 27.69 17.29
CA GLY G 26 14.49 28.19 16.05
C GLY G 26 13.66 27.82 14.83
N LEU G 27 12.37 27.62 15.07
CA LEU G 27 11.47 27.12 14.04
C LEU G 27 10.39 28.08 13.66
N GLN G 28 9.84 27.84 12.47
CA GLN G 28 8.74 28.60 11.89
C GLN G 28 7.40 27.89 12.01
N PHE G 29 7.43 26.55 12.10
CA PHE G 29 6.20 25.80 12.30
C PHE G 29 5.83 25.89 13.76
N PRO G 30 4.54 25.70 14.09
CA PRO G 30 4.05 25.95 15.46
C PRO G 30 4.18 24.73 16.37
N VAL G 31 5.19 24.76 17.21
CA VAL G 31 5.44 23.69 18.16
C VAL G 31 4.22 23.45 19.02
N GLY G 32 3.53 24.50 19.40
CA GLY G 32 2.33 24.33 20.19
C GLY G 32 1.19 23.58 19.52
N ARG G 33 0.89 23.92 18.27
CA ARG G 33 -0.15 23.20 17.56
C ARG G 33 0.25 21.74 17.41
N VAL G 34 1.51 21.49 17.08
CA VAL G 34 1.92 20.11 16.86
C VAL G 34 1.67 19.26 18.09
N HIS G 35 2.11 19.75 19.23
CA HIS G 35 1.89 19.11 20.52
C HIS G 35 0.41 18.87 20.76
N ARG G 36 -0.46 19.77 20.32
CA ARG G 36 -1.86 19.51 20.58
C ARG G 36 -2.35 18.38 19.69
N LEU G 37 -1.99 18.46 18.42
CA LEU G 37 -2.45 17.49 17.42
C LEU G 37 -1.98 16.08 17.73
N LEU G 38 -0.78 15.99 18.32
CA LEU G 38 -0.22 14.73 18.83
C LEU G 38 -1.04 14.23 20.02
N ARG G 39 -1.25 15.09 21.02
CA ARG G 39 -2.02 14.70 22.23
C ARG G 39 -3.47 14.30 21.92
N LYS G 40 -4.12 14.99 20.99
CA LYS G 40 -5.52 14.72 20.61
C LYS G 40 -5.63 13.72 19.46
N GLY G 41 -4.49 13.24 19.00
CA GLY G 41 -4.48 12.38 17.81
C GLY G 41 -4.64 10.88 18.03
N ASN G 42 -4.90 10.47 19.27
CA ASN G 42 -5.02 9.05 19.56
C ASN G 42 -3.75 8.32 19.15
N TYR G 43 -2.58 8.89 19.44
CA TYR G 43 -1.33 8.24 19.07
C TYR G 43 -0.71 7.53 20.27
N SER G 44 -0.96 8.09 21.45
CA SER G 44 -0.40 7.58 22.68
C SER G 44 -1.00 8.37 23.82
N GLU G 45 -0.99 7.80 25.02
CA GLU G 45 -1.52 8.55 26.16
C GLU G 45 -0.63 9.76 26.46
N ARG G 46 0.68 9.54 26.48
CA ARG G 46 1.61 10.61 26.79
C ARG G 46 2.48 11.04 25.62
N VAL G 47 2.79 12.34 25.57
CA VAL G 47 3.60 12.91 24.52
C VAL G 47 4.78 13.62 25.13
N GLY G 48 6.00 13.19 24.81
CA GLY G 48 7.22 13.83 25.28
C GLY G 48 7.28 15.28 24.86
N ALA G 49 8.15 16.05 25.51
CA ALA G 49 8.14 17.50 25.31
C ALA G 49 8.94 17.89 24.10
N GLY G 50 9.91 17.06 23.75
CA GLY G 50 10.76 17.33 22.61
C GLY G 50 10.20 16.81 21.30
N ALA G 51 9.24 15.88 21.38
CA ALA G 51 8.59 15.33 20.20
C ALA G 51 7.92 16.39 19.30
N PRO G 52 7.12 17.30 19.88
CA PRO G 52 6.52 18.23 18.93
C PRO G 52 7.54 19.20 18.36
N VAL G 53 8.60 19.50 19.09
CA VAL G 53 9.65 20.35 18.54
C VAL G 53 10.27 19.62 17.37
N TYR G 54 10.61 18.35 17.62
CA TYR G 54 11.30 17.55 16.64
C TYR G 54 10.47 17.36 15.36
N LEU G 55 9.20 17.02 15.53
CA LEU G 55 8.32 16.77 14.42
C LEU G 55 8.05 18.10 13.63
N ALA G 56 7.94 19.21 14.35
CA ALA G 56 7.70 20.50 13.71
C ALA G 56 8.87 20.87 12.84
N ALA G 57 10.05 20.62 13.39
CA ALA G 57 11.29 20.83 12.67
C ALA G 57 11.39 20.00 11.38
N VAL G 58 11.00 18.74 11.43
CA VAL G 58 11.02 17.90 10.25
C VAL G 58 9.99 18.39 9.21
N LEU G 59 8.80 18.74 9.64
CA LEU G 59 7.80 19.28 8.74
C LEU G 59 8.31 20.55 8.06
N GLU G 60 9.01 21.38 8.84
CA GLU G 60 9.60 22.60 8.29
C GLU G 60 10.65 22.26 7.25
N TYR G 61 11.54 21.32 7.59
CA TYR G 61 12.61 20.94 6.67
C TYR G 61 12.06 20.50 5.32
N LEU G 62 11.15 19.52 5.34
CA LEU G 62 10.56 18.96 4.12
C LEU G 62 9.82 20.04 3.34
N THR G 63 9.14 20.91 4.07
CA THR G 63 8.43 22.02 3.46
C THR G 63 9.37 23.02 2.82
N ALA G 64 10.43 23.37 3.54
CA ALA G 64 11.48 24.24 2.99
C ALA G 64 12.02 23.69 1.66
N GLU G 65 12.39 22.41 1.62
CA GLU G 65 13.02 21.74 0.48
C GLU G 65 12.09 21.72 -0.77
N ILE G 66 10.79 21.51 -0.56
CA ILE G 66 9.85 21.54 -1.69
C ILE G 66 9.69 22.95 -2.27
N LEU G 67 9.57 23.94 -1.39
CA LEU G 67 9.42 25.32 -1.84
C LEU G 67 10.70 25.79 -2.53
N GLU G 68 11.84 25.35 -2.04
CA GLU G 68 13.14 25.67 -2.64
C GLU G 68 13.08 25.26 -4.09
N LEU G 69 12.65 24.04 -4.34
CA LEU G 69 12.68 23.48 -5.69
C LEU G 69 11.51 23.95 -6.59
N ALA G 70 10.39 24.30 -5.96
CA ALA G 70 9.23 24.79 -6.68
C ALA G 70 9.44 26.22 -7.15
N GLY G 71 9.91 27.08 -6.23
CA GLY G 71 10.29 28.44 -6.57
C GLY G 71 11.29 28.51 -7.71
N ASN G 72 12.26 27.60 -7.66
CA ASN G 72 13.21 27.49 -8.73
C ASN G 72 12.53 27.10 -10.03
N ALA G 73 11.62 26.13 -9.96
CA ALA G 73 10.99 25.65 -11.17
C ALA G 73 10.06 26.68 -11.74
N ALA G 74 9.56 27.60 -10.90
CA ALA G 74 8.73 28.72 -11.39
C ALA G 74 9.59 29.81 -12.03
N ARG G 75 10.79 30.01 -11.53
CA ARG G 75 11.64 31.03 -12.09
C ARG G 75 12.31 30.52 -13.35
N ASP G 76 12.66 29.24 -13.42
CA ASP G 76 13.14 28.67 -14.68
C ASP G 76 12.13 28.90 -15.81
N ASN G 77 10.90 29.21 -15.44
CA ASN G 77 9.77 29.32 -16.35
C ASN G 77 9.41 30.81 -16.40
N LYS G 78 10.26 31.58 -15.74
CA LYS G 78 10.12 33.04 -15.66
C LYS G 78 8.80 33.52 -15.12
N LYS G 79 8.22 32.77 -14.20
CA LYS G 79 7.10 33.25 -13.37
C LYS G 79 7.62 33.51 -11.96
N THR G 80 6.86 34.26 -11.16
CA THR G 80 7.30 34.53 -9.79
C THR G 80 6.20 34.16 -8.79
N ARG G 81 5.24 33.37 -9.24
CA ARG G 81 4.29 32.80 -8.32
C ARG G 81 4.25 31.29 -8.47
N ILE G 82 4.28 30.58 -7.35
CA ILE G 82 4.25 29.14 -7.38
C ILE G 82 2.84 28.61 -7.64
N ILE G 83 2.69 27.81 -8.65
CA ILE G 83 1.41 27.21 -8.93
C ILE G 83 1.61 25.70 -8.80
N PRO G 84 0.52 24.90 -8.84
CA PRO G 84 0.73 23.48 -8.61
C PRO G 84 1.69 22.81 -9.61
N ARG G 85 1.74 23.26 -10.86
CA ARG G 85 2.66 22.69 -11.84
C ARG G 85 4.10 22.71 -11.32
N HIS G 86 4.48 23.81 -10.69
CA HIS G 86 5.83 23.96 -10.18
C HIS G 86 6.09 22.98 -9.05
N LEU G 87 5.08 22.77 -8.21
CA LEU G 87 5.23 21.77 -7.19
C LEU G 87 5.40 20.39 -7.82
N GLN G 88 4.56 20.04 -8.79
CA GLN G 88 4.66 18.75 -9.46
C GLN G 88 6.00 18.53 -10.15
N LEU G 89 6.44 19.51 -10.93
CA LEU G 89 7.74 19.43 -11.60
C LEU G 89 8.84 19.25 -10.58
N ALA G 90 8.73 19.91 -9.44
CA ALA G 90 9.78 19.82 -8.43
C ALA G 90 9.84 18.45 -7.78
N ILE G 91 8.70 17.91 -7.40
CA ILE G 91 8.62 16.56 -6.83
C ILE G 91 9.10 15.50 -7.83
N ARG G 92 8.50 15.47 -9.02
CA ARG G 92 8.83 14.42 -9.99
C ARG G 92 10.27 14.48 -10.53
N ASN G 93 10.89 15.65 -10.51
CA ASN G 93 12.27 15.74 -10.99
C ASN G 93 13.28 15.42 -9.90
N ASP G 94 12.81 15.26 -8.66
CA ASP G 94 13.68 14.93 -7.53
C ASP G 94 13.66 13.45 -7.14
N GLU G 95 14.81 12.76 -7.33
CA GLU G 95 14.97 11.31 -7.13
C GLU G 95 14.34 10.86 -5.83
N GLU G 96 14.57 11.62 -4.76
CA GLU G 96 14.15 11.21 -3.41
C GLU G 96 12.77 11.67 -2.99
N LEU G 97 12.45 12.95 -3.22
CA LEU G 97 11.08 13.43 -3.03
C LEU G 97 10.10 12.55 -3.81
N ASN G 98 10.47 12.17 -5.02
CA ASN G 98 9.55 11.38 -5.83
C ASN G 98 9.28 10.03 -5.25
N LYS G 99 10.27 9.46 -4.59
CA LYS G 99 10.08 8.18 -3.92
C LYS G 99 9.14 8.37 -2.72
N LEU G 100 9.27 9.50 -2.03
CA LEU G 100 8.46 9.79 -0.85
C LEU G 100 6.98 9.99 -1.21
N LEU G 101 6.74 10.69 -2.33
CA LEU G 101 5.37 11.01 -2.75
C LEU G 101 4.96 10.24 -4.00
N GLY G 102 5.44 9.01 -4.09
CA GLY G 102 5.28 8.21 -5.28
C GLY G 102 3.85 7.78 -5.50
N ARG G 103 3.09 7.65 -4.40
CA ARG G 103 1.68 7.26 -4.42
C ARG G 103 0.72 8.46 -4.18
N VAL G 104 1.14 9.64 -4.64
CA VAL G 104 0.41 10.89 -4.46
C VAL G 104 0.10 11.62 -5.77
N THR G 105 -1.15 11.99 -5.97
CA THR G 105 -1.56 12.79 -7.10
C THR G 105 -1.71 14.26 -6.72
N ILE G 106 -0.94 15.12 -7.39
CA ILE G 106 -1.05 16.55 -7.18
C ILE G 106 -2.03 17.13 -8.18
N ALA G 107 -3.15 17.63 -7.68
CA ALA G 107 -4.16 18.13 -8.57
C ALA G 107 -3.61 19.29 -9.39
N GLN G 108 -3.94 19.29 -10.69
CA GLN G 108 -3.49 20.32 -11.62
C GLN G 108 -1.96 20.37 -11.80
N GLY G 109 -1.29 19.23 -11.63
CA GLY G 109 0.16 19.22 -11.76
C GLY G 109 0.66 18.79 -13.13
N GLY G 110 -0.11 18.02 -13.88
CA GLY G 110 0.39 17.48 -15.12
C GLY G 110 1.44 16.39 -14.92
N VAL G 111 2.14 16.03 -16.00
CA VAL G 111 3.19 15.04 -15.90
C VAL G 111 4.51 15.65 -16.35
N LEU G 112 5.62 15.01 -16.04
CA LEU G 112 6.89 15.43 -16.64
C LEU G 112 6.93 15.18 -18.14
N PRO G 113 7.43 16.16 -18.91
CA PRO G 113 7.68 15.94 -20.33
C PRO G 113 8.61 14.75 -20.53
N ASN G 114 8.07 13.69 -21.14
CA ASN G 114 8.79 12.45 -21.36
C ASN G 114 8.20 11.56 -22.45
N ILE G 115 8.88 11.53 -23.61
CA ILE G 115 8.53 10.66 -24.73
C ILE G 115 9.52 9.48 -24.80
N GLN G 116 9.01 8.28 -24.96
CA GLN G 116 9.89 7.13 -25.14
C GLN G 116 10.71 7.22 -26.42
N ALA G 117 12.02 7.10 -26.31
CA ALA G 117 12.94 7.14 -27.47
C ALA G 117 12.50 6.30 -28.68
N VAL G 118 12.00 5.10 -28.47
CA VAL G 118 11.53 4.28 -29.60
C VAL G 118 10.48 4.98 -30.48
N LEU G 119 9.72 5.93 -29.94
CA LEU G 119 8.62 6.53 -30.70
C LEU G 119 9.08 7.77 -31.49
N LEU G 120 10.35 8.15 -31.35
CA LEU G 120 10.85 9.28 -32.11
C LEU G 120 11.15 8.88 -33.54
N PRO G 121 11.06 9.83 -34.49
CA PRO G 121 11.44 9.53 -35.88
C PRO G 121 12.96 9.44 -36.05
N LYS G 122 13.40 8.80 -37.13
CA LYS G 122 14.79 8.53 -37.55
C LYS G 122 14.95 7.01 -37.64
N ARG H 37 -11.99 29.32 13.55
CA ARG H 37 -12.98 28.25 13.43
C ARG H 37 -12.57 27.16 12.44
N LYS H 38 -11.55 27.40 11.60
CA LYS H 38 -11.07 26.33 10.73
C LYS H 38 -9.54 26.47 10.42
N GLU H 39 -8.72 25.77 11.22
CA GLU H 39 -7.25 25.93 11.14
C GLU H 39 -6.58 25.16 9.98
N SER H 40 -5.36 25.60 9.70
CA SER H 40 -4.64 25.28 8.48
C SER H 40 -3.14 25.51 8.69
N TYR H 41 -2.29 25.05 7.77
CA TYR H 41 -0.87 25.32 7.90
C TYR H 41 -0.40 26.50 7.05
N SER H 42 -1.33 27.24 6.46
CA SER H 42 -1.01 28.18 5.41
C SER H 42 -0.05 29.30 5.83
N ILE H 43 -0.26 29.93 6.98
CA ILE H 43 0.61 31.06 7.36
C ILE H 43 2.07 30.62 7.58
N TYR H 44 2.25 29.44 8.19
CA TYR H 44 3.56 28.92 8.51
C TYR H 44 4.30 28.56 7.24
N VAL H 45 3.58 28.01 6.27
CA VAL H 45 4.21 27.70 4.98
C VAL H 45 4.74 28.97 4.36
N TYR H 46 3.91 30.02 4.38
CA TYR H 46 4.24 31.28 3.75
C TYR H 46 5.50 31.87 4.37
N LYS H 47 5.58 31.77 5.69
CA LYS H 47 6.76 32.22 6.38
C LYS H 47 7.98 31.47 5.83
N VAL H 48 7.87 30.15 5.71
CA VAL H 48 8.95 29.32 5.19
C VAL H 48 9.25 29.66 3.73
N LEU H 49 8.22 30.06 2.99
CA LEU H 49 8.44 30.46 1.61
C LEU H 49 9.37 31.66 1.58
N LYS H 50 9.10 32.63 2.45
CA LYS H 50 9.84 33.88 2.47
C LYS H 50 11.33 33.69 2.85
N GLN H 51 11.66 32.55 3.47
CA GLN H 51 13.06 32.26 3.78
C GLN H 51 13.83 31.79 2.55
N VAL H 52 13.21 30.90 1.78
CA VAL H 52 13.89 30.28 0.65
C VAL H 52 13.83 31.14 -0.57
N HIS H 53 12.72 31.83 -0.76
CA HIS H 53 12.50 32.62 -1.95
C HIS H 53 11.73 33.88 -1.57
N PRO H 54 12.44 34.93 -1.12
CA PRO H 54 11.77 36.10 -0.54
C PRO H 54 10.88 36.83 -1.54
N ASP H 55 11.26 36.82 -2.81
CA ASP H 55 10.48 37.55 -3.81
C ASP H 55 9.43 36.72 -4.55
N THR H 56 9.31 35.45 -4.19
CA THR H 56 8.37 34.55 -4.84
C THR H 56 7.10 34.38 -4.01
N GLY H 57 5.96 34.23 -4.67
CA GLY H 57 4.72 33.99 -3.97
C GLY H 57 4.12 32.65 -4.36
N ILE H 58 2.90 32.39 -3.91
CA ILE H 58 2.29 31.09 -4.12
C ILE H 58 0.77 31.20 -4.26
N SER H 59 0.22 30.58 -5.29
CA SER H 59 -1.20 30.64 -5.52
C SER H 59 -1.94 29.89 -4.42
N SER H 60 -3.25 30.07 -4.36
CA SER H 60 -4.00 29.44 -3.29
C SER H 60 -4.17 27.96 -3.57
N LYS H 61 -4.36 27.62 -4.83
CA LYS H 61 -4.45 26.21 -5.15
C LYS H 61 -3.13 25.52 -4.83
N ALA H 62 -2.01 26.23 -4.97
CA ALA H 62 -0.72 25.65 -4.64
C ALA H 62 -0.58 25.49 -3.13
N MET H 63 -1.15 26.41 -2.38
CA MET H 63 -1.10 26.35 -0.92
C MET H 63 -1.94 25.20 -0.33
N GLY H 64 -3.04 24.88 -0.98
CA GLY H 64 -3.84 23.76 -0.51
C GLY H 64 -3.08 22.47 -0.70
N ILE H 65 -2.21 22.45 -1.69
CA ILE H 65 -1.39 21.28 -1.96
C ILE H 65 -0.30 21.18 -0.91
N MET H 66 0.35 22.29 -0.61
CA MET H 66 1.33 22.31 0.46
C MET H 66 0.66 21.89 1.75
N ASN H 67 -0.56 22.35 1.98
CA ASN H 67 -1.31 21.92 3.15
C ASN H 67 -1.55 20.42 3.24
N SER H 68 -2.11 19.88 2.16
CA SER H 68 -2.37 18.46 2.04
C SER H 68 -1.13 17.70 2.41
N PHE H 69 -0.01 18.06 1.77
CA PHE H 69 1.32 17.54 2.06
C PHE H 69 1.71 17.59 3.55
N VAL H 70 1.55 18.74 4.20
CA VAL H 70 1.93 18.81 5.60
C VAL H 70 1.09 17.86 6.46
N ASN H 71 -0.23 17.82 6.24
CA ASN H 71 -1.05 16.89 7.02
C ASN H 71 -0.69 15.42 6.75
N ASP H 72 -0.29 15.15 5.51
CA ASP H 72 0.04 13.79 5.11
C ASP H 72 1.27 13.34 5.86
N ILE H 73 2.34 14.12 5.80
CA ILE H 73 3.59 13.73 6.44
C ILE H 73 3.43 13.67 7.95
N PHE H 74 2.66 14.60 8.52
CA PHE H 74 2.39 14.53 9.96
C PHE H 74 1.82 13.16 10.34
N GLU H 75 0.74 12.74 9.70
CA GLU H 75 0.09 11.47 10.00
C GLU H 75 1.03 10.30 9.77
N ARG H 76 1.88 10.43 8.75
CA ARG H 76 2.87 9.40 8.53
C ARG H 76 3.85 9.32 9.68
N ILE H 77 4.50 10.42 10.03
CA ILE H 77 5.48 10.37 11.11
C ILE H 77 4.75 10.02 12.41
N ALA H 78 3.60 10.64 12.66
CA ALA H 78 2.87 10.37 13.90
C ALA H 78 2.49 8.92 14.00
N GLY H 79 1.86 8.41 12.96
CA GLY H 79 1.45 7.02 12.93
C GLY H 79 2.57 5.99 13.16
N GLU H 80 3.70 6.19 12.52
CA GLU H 80 4.80 5.26 12.67
C GLU H 80 5.41 5.33 14.06
N ALA H 81 5.41 6.52 14.66
CA ALA H 81 6.00 6.66 15.98
C ALA H 81 5.06 6.09 17.00
N SER H 82 3.77 6.17 16.69
CA SER H 82 2.73 5.54 17.48
C SER H 82 2.97 4.04 17.53
N ARG H 83 3.21 3.45 16.37
CA ARG H 83 3.46 2.00 16.29
C ARG H 83 4.73 1.56 17.00
N LEU H 84 5.76 2.40 16.94
CA LEU H 84 7.03 2.16 17.57
C LEU H 84 6.90 2.01 19.07
N ALA H 85 6.18 2.93 19.68
CA ALA H 85 6.01 2.94 21.12
C ALA H 85 5.20 1.72 21.54
N HIS H 86 4.16 1.42 20.77
CA HIS H 86 3.27 0.31 21.10
C HIS H 86 3.98 -1.04 20.97
N TYR H 87 4.90 -1.17 20.01
CA TYR H 87 5.67 -2.40 19.85
C TYR H 87 6.60 -2.56 21.01
N ASN H 88 6.96 -1.46 21.65
CA ASN H 88 7.92 -1.50 22.74
C ASN H 88 7.35 -1.42 24.15
N LYS H 89 6.05 -1.63 24.30
CA LYS H 89 5.41 -1.46 25.60
C LYS H 89 5.64 -0.08 26.24
N ARG H 90 5.86 0.94 25.41
CA ARG H 90 6.02 2.32 25.90
C ARG H 90 4.79 3.18 25.67
N SER H 91 4.51 4.10 26.59
CA SER H 91 3.30 4.93 26.49
C SER H 91 3.57 6.40 26.15
N THR H 92 4.85 6.78 26.06
CA THR H 92 5.21 8.13 25.64
C THR H 92 5.77 8.11 24.23
N ILE H 93 5.25 9.00 23.39
CA ILE H 93 5.91 9.28 22.15
C ILE H 93 6.89 10.38 22.50
N THR H 94 8.18 10.09 22.33
CA THR H 94 9.25 11.04 22.61
C THR H 94 9.87 11.50 21.31
N SER H 95 10.87 12.37 21.39
CA SER H 95 11.58 12.79 20.18
C SER H 95 12.33 11.62 19.55
N ARG H 96 12.67 10.63 20.36
CA ARG H 96 13.37 9.45 19.91
C ARG H 96 12.47 8.53 19.11
N GLU H 97 11.17 8.62 19.31
CA GLU H 97 10.27 7.83 18.49
C GLU H 97 10.15 8.53 17.16
N ILE H 98 10.15 9.86 17.21
CA ILE H 98 10.02 10.65 16.02
C ILE H 98 11.16 10.41 15.09
N GLN H 99 12.37 10.46 15.63
CA GLN H 99 13.58 10.26 14.85
C GLN H 99 13.61 8.87 14.23
N THR H 100 13.24 7.85 14.99
CA THR H 100 13.27 6.49 14.46
C THR H 100 12.28 6.35 13.31
N ALA H 101 11.12 6.99 13.46
CA ALA H 101 10.09 6.99 12.40
C ALA H 101 10.52 7.70 11.12
N VAL H 102 11.31 8.74 11.27
CA VAL H 102 11.75 9.49 10.12
C VAL H 102 12.76 8.65 9.39
N ARG H 103 13.55 7.89 10.12
CA ARG H 103 14.55 7.03 9.52
C ARG H 103 13.93 5.88 8.73
N LEU H 104 12.77 5.42 9.18
CA LEU H 104 11.98 4.45 8.44
C LEU H 104 11.29 5.06 7.21
N LEU H 105 10.64 6.20 7.40
CA LEU H 105 9.73 6.73 6.40
C LEU H 105 10.36 7.57 5.29
N LEU H 106 11.54 8.12 5.51
CA LEU H 106 12.12 9.03 4.54
C LEU H 106 13.23 8.37 3.74
N PRO H 107 13.33 8.69 2.45
CA PRO H 107 14.50 8.22 1.71
C PRO H 107 15.79 8.70 2.27
N GLY H 108 16.85 7.93 2.02
CA GLY H 108 18.13 8.03 2.71
C GLY H 108 18.64 9.43 2.98
N GLU H 109 18.99 10.13 1.90
CA GLU H 109 19.67 11.42 2.00
C GLU H 109 18.73 12.44 2.63
N LEU H 110 17.45 12.31 2.30
CA LEU H 110 16.41 13.20 2.81
C LEU H 110 16.29 13.01 4.31
N ALA H 111 16.36 11.76 4.75
CA ALA H 111 16.26 11.45 6.18
C ALA H 111 17.45 11.99 6.93
N LYS H 112 18.64 11.86 6.36
CA LYS H 112 19.85 12.32 7.03
C LYS H 112 19.70 13.76 7.43
N HIS H 113 19.28 14.59 6.47
CA HIS H 113 19.08 16.02 6.68
C HIS H 113 17.98 16.30 7.72
N ALA H 114 16.83 15.62 7.62
CA ALA H 114 15.75 15.86 8.56
C ALA H 114 16.18 15.47 9.98
N VAL H 115 16.88 14.35 10.13
CA VAL H 115 17.34 13.94 11.46
C VAL H 115 18.27 15.00 12.03
N SER H 116 19.15 15.53 11.19
CA SER H 116 19.99 16.65 11.58
C SER H 116 19.16 17.87 11.97
N GLU H 117 18.20 18.24 11.14
CA GLU H 117 17.39 19.40 11.43
C GLU H 117 16.57 19.21 12.73
N GLY H 118 16.06 18.01 12.95
CA GLY H 118 15.24 17.75 14.11
C GLY H 118 16.01 17.78 15.40
N THR H 119 17.19 17.18 15.37
CA THR H 119 18.08 17.28 16.51
C THR H 119 18.50 18.74 16.78
N LYS H 120 19.00 19.39 15.73
CA LYS H 120 19.43 20.78 15.82
C LYS H 120 18.38 21.63 16.50
N ALA H 121 17.11 21.28 16.32
CA ALA H 121 16.04 22.12 16.85
C ALA H 121 15.72 21.78 18.28
N VAL H 122 15.81 20.51 18.64
CA VAL H 122 15.42 20.10 19.99
C VAL H 122 16.54 20.46 20.95
N THR H 123 17.76 20.39 20.48
CA THR H 123 18.86 20.74 21.36
C THR H 123 18.91 22.27 21.59
N LYS H 124 18.45 23.03 20.63
CA LYS H 124 18.41 24.47 20.78
C LYS H 124 17.38 24.85 21.83
N TYR H 125 16.32 24.05 21.87
CA TYR H 125 15.13 24.33 22.66
C TYR H 125 15.36 24.05 24.13
N THR H 126 16.33 23.17 24.38
CA THR H 126 16.77 22.83 25.73
C THR H 126 17.62 23.96 26.33
N SER H 127 18.40 24.61 25.49
CA SER H 127 19.16 25.76 25.94
C SER H 127 18.29 27.02 25.96
N ALA H 128 17.11 26.93 26.58
CA ALA H 128 16.21 28.08 26.75
C ALA H 128 15.08 27.72 27.72
#